data_1K0C
#
_entry.id   1K0C
#
_cell.length_a   54.736
_cell.length_b   123.214
_cell.length_c   168.182
_cell.angle_alpha   90.00
_cell.angle_beta   90.00
_cell.angle_gamma   90.00
#
_symmetry.space_group_name_H-M   'P 21 21 21'
#
loop_
_entity.id
_entity.type
_entity.pdbx_description
1 polymer 'URE2 PROTEIN'
2 non-polymer S-(P-NITROBENZYL)GLUTATHIONE
3 non-polymer GLUTATHIONE
4 water water
#
_entity_poly.entity_id   1
_entity_poly.type   'polypeptide(L)'
_entity_poly.pdbx_seq_one_letter_code
;SHVEYSRITKFFQEQPLEGYTLFSHRSAPNGFKVAIVLSELGFHYNTIFLDFNLGEHRAPEFVSVNPNARVPALIDHGMD
NLSIWESGAILLHLVNKYYKETGNPLLWSDDLADQSQINAWLFFQTSGHAPMIGQALHFRYFHSQKIASAVERYTDEVRR
VYGVVEMALAERREALVMELDTENAAAYSAGTTPMSQSRFFDYPVWLVGDKLTIADLAFVPWNNVVDRIGINIKIEFPEV
YKWTKHMMRRPAVIKALRGE
;
_entity_poly.pdbx_strand_id   A,B,C,D
#
# COMPACT_ATOMS: atom_id res chain seq x y z
N ILE A 8 20.09 -26.66 34.23
CA ILE A 8 20.30 -26.13 32.85
C ILE A 8 21.66 -25.46 32.70
N THR A 9 21.90 -24.45 33.53
CA THR A 9 23.15 -23.71 33.51
C THR A 9 24.35 -24.66 33.52
N LYS A 10 24.29 -25.68 34.37
CA LYS A 10 25.34 -26.69 34.49
C LYS A 10 25.53 -27.42 33.17
N PHE A 11 24.43 -27.97 32.66
CA PHE A 11 24.42 -28.73 31.42
C PHE A 11 25.32 -28.10 30.34
N PHE A 12 25.23 -26.79 30.18
CA PHE A 12 26.01 -26.11 29.16
C PHE A 12 27.52 -26.15 29.31
N GLN A 13 28.01 -26.12 30.55
CA GLN A 13 29.46 -26.15 30.77
C GLN A 13 29.94 -27.59 30.84
N GLU A 14 28.99 -28.51 30.93
CA GLU A 14 29.27 -29.94 31.02
C GLU A 14 28.53 -30.64 29.88
N GLN A 15 28.58 -30.02 28.71
CA GLN A 15 27.91 -30.52 27.52
C GLN A 15 28.62 -31.75 26.92
N PRO A 16 27.84 -32.70 26.34
CA PRO A 16 28.33 -33.95 25.71
C PRO A 16 29.21 -33.76 24.48
N LEU A 17 29.97 -34.80 24.13
CA LEU A 17 30.87 -34.76 22.98
C LEU A 17 30.21 -35.21 21.68
N GLU A 18 29.28 -36.16 21.80
CA GLU A 18 28.54 -36.66 20.64
C GLU A 18 27.06 -36.77 20.99
N GLY A 19 26.24 -37.08 20.00
CA GLY A 19 24.83 -37.22 20.25
C GLY A 19 24.02 -35.92 20.17
N TYR A 20 22.81 -35.96 20.69
CA TYR A 20 21.94 -34.80 20.63
C TYR A 20 21.18 -34.55 21.91
N THR A 21 20.82 -33.30 22.11
CA THR A 21 20.05 -32.92 23.27
C THR A 21 18.83 -32.19 22.72
N LEU A 22 17.66 -32.72 23.04
CA LEU A 22 16.43 -32.15 22.57
C LEU A 22 15.66 -31.40 23.66
N PHE A 23 15.51 -30.10 23.48
CA PHE A 23 14.74 -29.30 24.43
C PHE A 23 13.31 -29.31 23.92
N SER A 24 12.38 -29.72 24.78
CA SER A 24 10.98 -29.80 24.38
C SER A 24 10.09 -29.57 25.60
N HIS A 25 8.81 -29.92 25.46
CA HIS A 25 7.83 -29.76 26.53
C HIS A 25 6.81 -30.90 26.43
N ARG A 26 6.37 -31.40 27.57
CA ARG A 26 5.42 -32.50 27.62
C ARG A 26 4.19 -32.33 26.73
N SER A 27 3.85 -31.09 26.40
CA SER A 27 2.67 -30.84 25.58
C SER A 27 2.95 -30.34 24.16
N ALA A 28 4.22 -30.28 23.78
CA ALA A 28 4.57 -29.78 22.45
C ALA A 28 4.59 -30.83 21.35
N PRO A 29 3.57 -30.84 20.47
CA PRO A 29 3.61 -31.83 19.40
C PRO A 29 4.89 -31.63 18.58
N ASN A 30 5.31 -30.37 18.43
CA ASN A 30 6.53 -30.03 17.70
C ASN A 30 7.74 -30.80 18.23
N GLY A 31 7.88 -30.80 19.55
CA GLY A 31 8.99 -31.49 20.18
C GLY A 31 8.98 -32.98 19.89
N PHE A 32 7.84 -33.62 20.07
CA PHE A 32 7.77 -35.05 19.83
C PHE A 32 7.98 -35.39 18.36
N LYS A 33 7.67 -34.45 17.48
CA LYS A 33 7.89 -34.68 16.07
C LYS A 33 9.39 -34.92 15.87
N VAL A 34 10.21 -34.12 16.55
CA VAL A 34 11.65 -34.28 16.46
C VAL A 34 12.11 -35.58 17.10
N ALA A 35 11.58 -35.90 18.27
CA ALA A 35 11.96 -37.14 18.94
C ALA A 35 11.69 -38.31 18.00
N ILE A 36 10.50 -38.31 17.39
CA ILE A 36 10.13 -39.38 16.46
C ILE A 36 11.20 -39.55 15.37
N VAL A 37 11.49 -38.48 14.65
CA VAL A 37 12.49 -38.53 13.60
C VAL A 37 13.86 -38.96 14.15
N LEU A 38 14.23 -38.41 15.30
CA LEU A 38 15.50 -38.75 15.94
C LEU A 38 15.56 -40.27 16.14
N SER A 39 14.46 -40.85 16.61
CA SER A 39 14.37 -42.28 16.85
C SER A 39 14.41 -43.07 15.55
N GLU A 40 13.50 -42.76 14.64
CA GLU A 40 13.46 -43.46 13.36
C GLU A 40 14.84 -43.45 12.68
N LEU A 41 15.61 -42.38 12.90
CA LEU A 41 16.94 -42.28 12.30
C LEU A 41 18.05 -42.94 13.13
N GLY A 42 17.68 -43.45 14.30
CA GLY A 42 18.65 -44.11 15.15
C GLY A 42 19.67 -43.22 15.84
N PHE A 43 19.38 -41.93 15.94
CA PHE A 43 20.31 -41.01 16.59
C PHE A 43 20.13 -41.06 18.11
N HIS A 44 21.23 -41.19 18.87
CA HIS A 44 21.10 -41.22 20.32
C HIS A 44 20.92 -39.79 20.83
N TYR A 45 19.89 -39.59 21.62
CA TYR A 45 19.59 -38.25 22.13
C TYR A 45 18.93 -38.29 23.50
N ASN A 46 19.01 -37.17 24.20
CA ASN A 46 18.38 -37.05 25.50
C ASN A 46 17.51 -35.82 25.43
N THR A 47 16.39 -35.87 26.12
CA THR A 47 15.46 -34.75 26.13
C THR A 47 15.47 -33.98 27.42
N ILE A 48 15.43 -32.66 27.31
CA ILE A 48 15.37 -31.81 28.48
C ILE A 48 14.02 -31.10 28.35
N PHE A 49 13.09 -31.45 29.24
CA PHE A 49 11.77 -30.84 29.24
C PHE A 49 11.80 -29.57 30.07
N LEU A 50 11.49 -28.44 29.46
CA LEU A 50 11.50 -27.16 30.16
C LEU A 50 10.15 -26.89 30.76
N ASP A 51 10.13 -26.50 32.04
CA ASP A 51 8.87 -26.16 32.68
C ASP A 51 8.70 -24.68 32.42
N PHE A 52 7.57 -24.32 31.81
CA PHE A 52 7.36 -22.92 31.51
C PHE A 52 7.15 -22.14 32.81
N ASN A 53 6.78 -22.86 33.86
CA ASN A 53 6.58 -22.23 35.17
C ASN A 53 7.81 -21.41 35.52
N LEU A 54 8.93 -22.11 35.74
CA LEU A 54 10.20 -21.46 36.08
C LEU A 54 10.66 -20.56 34.93
N GLY A 55 9.87 -20.50 33.87
CA GLY A 55 10.21 -19.68 32.72
C GLY A 55 11.59 -19.99 32.16
N GLU A 56 11.97 -21.27 32.17
CA GLU A 56 13.27 -21.68 31.64
C GLU A 56 13.45 -21.27 30.18
N HIS A 57 12.39 -21.39 29.39
CA HIS A 57 12.45 -21.05 27.98
C HIS A 57 12.77 -19.57 27.74
N ARG A 58 12.75 -18.79 28.82
CA ARG A 58 13.03 -17.37 28.76
C ARG A 58 14.47 -17.10 29.19
N ALA A 59 15.06 -18.08 29.86
CA ALA A 59 16.44 -17.97 30.36
C ALA A 59 17.45 -17.64 29.26
N PRO A 60 18.52 -16.91 29.63
CA PRO A 60 19.58 -16.48 28.71
C PRO A 60 20.25 -17.60 27.91
N GLU A 61 20.65 -18.67 28.60
CA GLU A 61 21.31 -19.77 27.92
C GLU A 61 20.44 -20.46 26.87
N PHE A 62 19.13 -20.55 27.14
CA PHE A 62 18.25 -21.19 26.17
C PHE A 62 18.01 -20.32 24.93
N VAL A 63 17.84 -19.02 25.15
CA VAL A 63 17.64 -18.08 24.06
C VAL A 63 18.83 -18.09 23.11
N SER A 64 20.00 -18.49 23.64
CA SER A 64 21.22 -18.58 22.85
C SER A 64 21.05 -19.74 21.87
N VAL A 65 20.35 -20.77 22.33
CA VAL A 65 20.09 -21.95 21.52
C VAL A 65 18.95 -21.62 20.56
N ASN A 66 17.92 -20.93 21.05
CA ASN A 66 16.78 -20.53 20.24
C ASN A 66 16.36 -19.08 20.52
N PRO A 67 16.75 -18.13 19.65
CA PRO A 67 16.37 -16.74 19.88
C PRO A 67 14.87 -16.52 19.96
N ASN A 68 14.10 -17.44 19.36
CA ASN A 68 12.64 -17.33 19.36
C ASN A 68 12.04 -17.78 20.71
N ALA A 69 12.90 -18.26 21.61
CA ALA A 69 12.49 -18.72 22.93
C ALA A 69 11.34 -19.71 22.92
N ARG A 70 11.38 -20.66 22.00
CA ARG A 70 10.32 -21.65 21.91
C ARG A 70 10.91 -23.05 21.73
N VAL A 71 10.08 -24.06 21.93
CA VAL A 71 10.52 -25.43 21.76
C VAL A 71 9.86 -25.98 20.49
N PRO A 72 10.52 -26.93 19.83
CA PRO A 72 11.80 -27.50 20.24
C PRO A 72 13.06 -26.83 19.70
N ALA A 73 14.17 -27.15 20.35
CA ALA A 73 15.50 -26.68 19.96
C ALA A 73 16.34 -27.95 20.04
N LEU A 74 17.44 -27.97 19.31
CA LEU A 74 18.28 -29.16 19.30
C LEU A 74 19.76 -28.83 19.22
N ILE A 75 20.56 -29.55 20.00
CA ILE A 75 22.00 -29.35 19.98
C ILE A 75 22.70 -30.57 19.36
N ASP A 76 23.28 -30.37 18.18
CA ASP A 76 24.01 -31.44 17.50
C ASP A 76 25.41 -31.36 18.10
N HIS A 77 25.66 -32.20 19.11
CA HIS A 77 26.94 -32.20 19.78
C HIS A 77 28.14 -32.56 18.92
N GLY A 78 27.95 -33.51 18.01
CA GLY A 78 29.04 -33.90 17.13
C GLY A 78 29.54 -32.76 16.27
N MET A 79 28.67 -31.78 16.00
CA MET A 79 29.06 -30.64 15.18
C MET A 79 29.33 -29.43 16.05
N ASP A 80 30.18 -29.67 17.05
CA ASP A 80 30.57 -28.64 17.98
C ASP A 80 29.36 -27.95 18.61
N ASN A 81 28.41 -28.76 19.06
CA ASN A 81 27.19 -28.25 19.70
C ASN A 81 26.45 -27.23 18.84
N LEU A 82 26.21 -27.61 17.61
CA LEU A 82 25.49 -26.77 16.68
C LEU A 82 24.06 -26.63 17.21
N SER A 83 23.60 -25.39 17.35
CA SER A 83 22.26 -25.14 17.85
C SER A 83 21.29 -25.07 16.66
N ILE A 84 20.16 -25.76 16.76
CA ILE A 84 19.19 -25.74 15.66
C ILE A 84 17.78 -25.58 16.20
N TRP A 85 17.08 -24.56 15.72
CA TRP A 85 15.71 -24.32 16.17
C TRP A 85 14.70 -24.39 15.02
N GLU A 86 13.42 -24.48 15.40
CA GLU A 86 12.30 -24.63 14.45
C GLU A 86 12.30 -26.08 14.00
N SER A 87 11.25 -26.81 14.40
CA SER A 87 11.09 -28.22 14.08
C SER A 87 11.31 -28.56 12.59
N GLY A 88 10.85 -27.68 11.70
CA GLY A 88 11.03 -27.93 10.28
C GLY A 88 12.51 -27.99 9.92
N ALA A 89 13.27 -27.01 10.41
CA ALA A 89 14.70 -26.97 10.12
C ALA A 89 15.45 -28.14 10.76
N ILE A 90 15.02 -28.54 11.96
CA ILE A 90 15.65 -29.65 12.66
C ILE A 90 15.43 -30.94 11.86
N LEU A 91 14.24 -31.13 11.32
CA LEU A 91 13.95 -32.33 10.54
C LEU A 91 14.81 -32.38 9.28
N LEU A 92 14.95 -31.25 8.61
CA LEU A 92 15.75 -31.21 7.40
C LEU A 92 17.21 -31.46 7.73
N HIS A 93 17.63 -30.99 8.89
CA HIS A 93 18.99 -31.19 9.33
C HIS A 93 19.29 -32.66 9.57
N LEU A 94 18.36 -33.36 10.22
CA LEU A 94 18.54 -34.78 10.52
C LEU A 94 18.54 -35.71 9.31
N VAL A 95 17.52 -35.62 8.47
CA VAL A 95 17.50 -36.50 7.30
C VAL A 95 18.74 -36.23 6.47
N ASN A 96 19.09 -34.95 6.34
CA ASN A 96 20.27 -34.57 5.57
C ASN A 96 21.53 -35.18 6.14
N LYS A 97 21.72 -35.06 7.44
CA LYS A 97 22.91 -35.60 8.08
C LYS A 97 22.94 -37.12 7.97
N TYR A 98 21.79 -37.77 8.17
CA TYR A 98 21.72 -39.21 8.08
C TYR A 98 22.13 -39.66 6.69
N TYR A 99 21.61 -38.97 5.67
CA TYR A 99 21.91 -39.32 4.29
C TYR A 99 23.39 -39.19 3.93
N LYS A 100 24.00 -38.13 4.42
CA LYS A 100 25.41 -37.86 4.17
C LYS A 100 26.30 -38.91 4.82
N GLU A 101 25.87 -39.40 5.98
CA GLU A 101 26.65 -40.39 6.70
C GLU A 101 26.49 -41.83 6.20
N THR A 102 25.31 -42.20 5.72
CA THR A 102 25.10 -43.58 5.27
C THR A 102 24.83 -43.76 3.77
N GLY A 103 24.56 -42.66 3.07
CA GLY A 103 24.28 -42.77 1.66
C GLY A 103 22.92 -43.38 1.43
N ASN A 104 22.06 -43.33 2.45
CA ASN A 104 20.70 -43.86 2.41
C ASN A 104 19.67 -42.80 2.84
N PRO A 105 18.85 -42.31 1.92
CA PRO A 105 17.84 -41.29 2.23
C PRO A 105 16.64 -41.73 3.07
N LEU A 106 16.91 -42.29 4.25
CA LEU A 106 15.84 -42.76 5.13
C LEU A 106 14.92 -41.62 5.54
N LEU A 107 13.62 -41.80 5.31
CA LEU A 107 12.61 -40.80 5.63
C LEU A 107 12.84 -39.56 4.76
N TRP A 108 13.70 -39.70 3.77
CA TRP A 108 14.10 -38.60 2.90
C TRP A 108 14.08 -39.11 1.46
N SER A 109 14.96 -38.58 0.62
CA SER A 109 15.05 -38.99 -0.78
C SER A 109 16.27 -38.35 -1.45
N ASP A 110 16.83 -39.03 -2.44
CA ASP A 110 17.99 -38.51 -3.15
C ASP A 110 17.57 -37.85 -4.47
N ASP A 111 16.28 -37.72 -4.70
CA ASP A 111 15.79 -37.09 -5.90
C ASP A 111 15.25 -35.70 -5.57
N LEU A 112 15.88 -34.66 -6.11
CA LEU A 112 15.45 -33.29 -5.83
C LEU A 112 13.96 -33.07 -6.05
N ALA A 113 13.38 -33.79 -7.01
CA ALA A 113 11.95 -33.66 -7.27
C ALA A 113 11.17 -34.11 -6.04
N ASP A 114 11.55 -35.28 -5.51
CA ASP A 114 10.91 -35.83 -4.33
C ASP A 114 11.15 -34.94 -3.11
N GLN A 115 12.33 -34.35 -3.05
CA GLN A 115 12.68 -33.47 -1.93
C GLN A 115 11.77 -32.24 -1.88
N SER A 116 11.50 -31.66 -3.04
CA SER A 116 10.63 -30.49 -3.09
C SER A 116 9.22 -30.84 -2.63
N GLN A 117 8.73 -32.03 -2.96
CA GLN A 117 7.38 -32.48 -2.54
C GLN A 117 7.37 -32.68 -1.02
N ILE A 118 8.41 -33.33 -0.53
CA ILE A 118 8.51 -33.56 0.90
C ILE A 118 8.53 -32.21 1.60
N ASN A 119 9.33 -31.29 1.07
CA ASN A 119 9.44 -29.95 1.64
C ASN A 119 8.11 -29.23 1.55
N ALA A 120 7.37 -29.48 0.49
CA ALA A 120 6.09 -28.82 0.35
C ALA A 120 5.18 -29.25 1.50
N TRP A 121 4.99 -30.56 1.69
CA TRP A 121 4.15 -31.06 2.77
C TRP A 121 4.71 -30.63 4.12
N LEU A 122 6.03 -30.59 4.26
CA LEU A 122 6.63 -30.18 5.52
C LEU A 122 6.26 -28.73 5.83
N PHE A 123 6.51 -27.82 4.89
CA PHE A 123 6.15 -26.43 5.15
C PHE A 123 4.66 -26.29 5.42
N PHE A 124 3.87 -27.02 4.64
CA PHE A 124 2.43 -27.01 4.79
C PHE A 124 2.05 -27.37 6.22
N GLN A 125 2.69 -28.42 6.76
CA GLN A 125 2.41 -28.84 8.12
C GLN A 125 2.83 -27.78 9.14
N THR A 126 4.05 -27.26 9.02
CA THR A 126 4.53 -26.25 9.98
C THR A 126 3.97 -24.85 9.81
N SER A 127 3.51 -24.48 8.62
CA SER A 127 2.99 -23.13 8.49
C SER A 127 1.47 -23.07 8.33
N GLY A 128 0.85 -24.17 7.90
CA GLY A 128 -0.58 -24.16 7.71
C GLY A 128 -1.39 -25.10 8.57
N HIS A 129 -0.73 -26.03 9.25
CA HIS A 129 -1.40 -27.01 10.09
C HIS A 129 -1.26 -26.64 11.56
N ALA A 130 -0.03 -26.75 12.08
CA ALA A 130 0.24 -26.46 13.49
C ALA A 130 -0.19 -25.08 13.97
N PRO A 131 0.02 -24.04 13.16
CA PRO A 131 -0.37 -22.71 13.62
C PRO A 131 -1.90 -22.60 13.80
N MET A 132 -2.64 -23.21 12.89
CA MET A 132 -4.10 -23.16 12.94
C MET A 132 -4.66 -23.99 14.10
N ILE A 133 -4.02 -25.12 14.38
CA ILE A 133 -4.46 -25.96 15.48
C ILE A 133 -4.23 -25.14 16.76
N GLY A 134 -3.02 -24.59 16.88
CA GLY A 134 -2.68 -23.77 18.03
C GLY A 134 -3.63 -22.61 18.28
N GLN A 135 -4.06 -21.94 17.21
CA GLN A 135 -4.98 -20.82 17.37
C GLN A 135 -6.34 -21.36 17.79
N ALA A 136 -6.71 -22.48 17.20
CA ALA A 136 -8.00 -23.11 17.53
C ALA A 136 -8.03 -23.47 19.01
N LEU A 137 -6.91 -23.95 19.54
CA LEU A 137 -6.84 -24.31 20.94
C LEU A 137 -6.97 -23.07 21.81
N HIS A 138 -6.21 -22.04 21.47
CA HIS A 138 -6.23 -20.81 22.23
C HIS A 138 -7.64 -20.28 22.46
N PHE A 139 -8.37 -20.02 21.37
CA PHE A 139 -9.72 -19.48 21.46
C PHE A 139 -10.76 -20.40 22.05
N ARG A 140 -10.48 -21.68 22.11
CA ARG A 140 -11.44 -22.58 22.69
C ARG A 140 -11.16 -22.78 24.17
N TYR A 141 -9.89 -22.68 24.57
CA TYR A 141 -9.54 -22.90 25.96
C TYR A 141 -8.84 -21.80 26.75
N PHE A 142 -8.06 -20.95 26.09
CA PHE A 142 -7.30 -19.95 26.83
C PHE A 142 -7.47 -18.47 26.56
N HIS A 143 -8.37 -18.08 25.67
CA HIS A 143 -8.52 -16.67 25.43
C HIS A 143 -9.27 -16.00 26.58
N SER A 144 -8.96 -14.72 26.82
CA SER A 144 -9.59 -13.99 27.90
C SER A 144 -11.10 -13.94 27.75
N GLN A 145 -11.57 -13.96 26.50
CA GLN A 145 -13.01 -13.90 26.24
C GLN A 145 -13.42 -15.11 25.38
N LYS A 146 -14.66 -15.53 25.49
CA LYS A 146 -15.13 -16.68 24.70
C LYS A 146 -15.76 -16.12 23.43
N ILE A 147 -15.25 -16.54 22.28
CA ILE A 147 -15.75 -16.05 20.99
C ILE A 147 -15.90 -17.15 19.93
N ALA A 148 -17.14 -17.56 19.71
CA ALA A 148 -17.40 -18.62 18.75
C ALA A 148 -16.85 -18.35 17.34
N SER A 149 -16.94 -17.11 16.86
CA SER A 149 -16.45 -16.81 15.53
C SER A 149 -14.96 -17.11 15.39
N ALA A 150 -14.18 -16.76 16.41
CA ALA A 150 -12.74 -17.03 16.37
C ALA A 150 -12.48 -18.54 16.37
N VAL A 151 -13.25 -19.27 17.18
CA VAL A 151 -13.11 -20.72 17.28
C VAL A 151 -13.49 -21.40 15.97
N GLU A 152 -14.57 -20.93 15.35
CA GLU A 152 -15.02 -21.49 14.09
C GLU A 152 -13.98 -21.24 13.00
N ARG A 153 -13.41 -20.04 13.02
CA ARG A 153 -12.40 -19.67 12.04
C ARG A 153 -11.29 -20.71 11.96
N TYR A 154 -10.69 -21.03 13.11
CA TYR A 154 -9.60 -21.98 13.13
C TYR A 154 -9.95 -23.47 13.01
N THR A 155 -11.09 -23.87 13.56
CA THR A 155 -11.50 -25.25 13.48
C THR A 155 -11.79 -25.58 12.02
N ASP A 156 -12.41 -24.63 11.31
CA ASP A 156 -12.75 -24.83 9.91
C ASP A 156 -11.49 -24.97 9.09
N GLU A 157 -10.55 -24.06 9.30
CA GLU A 157 -9.31 -24.07 8.56
C GLU A 157 -8.56 -25.39 8.75
N VAL A 158 -8.50 -25.87 9.99
CA VAL A 158 -7.82 -27.12 10.29
C VAL A 158 -8.52 -28.27 9.55
N ARG A 159 -9.85 -28.17 9.48
CA ARG A 159 -10.63 -29.18 8.80
C ARG A 159 -10.40 -29.11 7.29
N ARG A 160 -10.08 -27.91 6.80
CA ARG A 160 -9.81 -27.74 5.38
C ARG A 160 -8.47 -28.38 5.06
N VAL A 161 -7.50 -28.16 5.94
CA VAL A 161 -6.15 -28.70 5.81
C VAL A 161 -6.20 -30.21 5.72
N TYR A 162 -6.87 -30.85 6.68
CA TYR A 162 -6.99 -32.30 6.67
C TYR A 162 -7.63 -32.76 5.37
N GLY A 163 -8.68 -32.07 4.95
CA GLY A 163 -9.33 -32.44 3.70
C GLY A 163 -8.29 -32.55 2.60
N VAL A 164 -7.36 -31.59 2.57
CA VAL A 164 -6.30 -31.61 1.56
C VAL A 164 -5.49 -32.89 1.69
N VAL A 165 -5.09 -33.21 2.92
CA VAL A 165 -4.31 -34.41 3.17
C VAL A 165 -5.12 -35.65 2.84
N GLU A 166 -6.35 -35.70 3.35
CA GLU A 166 -7.24 -36.83 3.09
C GLU A 166 -7.33 -37.09 1.59
N MET A 167 -7.48 -36.01 0.82
CA MET A 167 -7.58 -36.13 -0.62
C MET A 167 -6.29 -36.67 -1.20
N ALA A 168 -5.16 -36.13 -0.75
CA ALA A 168 -3.88 -36.59 -1.25
C ALA A 168 -3.76 -38.09 -1.02
N LEU A 169 -4.03 -38.53 0.21
CA LEU A 169 -3.94 -39.95 0.53
C LEU A 169 -4.92 -40.78 -0.27
N ALA A 170 -6.15 -40.29 -0.40
CA ALA A 170 -7.18 -40.99 -1.15
C ALA A 170 -6.74 -41.21 -2.60
N GLU A 171 -6.10 -40.20 -3.18
CA GLU A 171 -5.60 -40.29 -4.56
C GLU A 171 -4.48 -41.31 -4.64
N ARG A 172 -3.76 -41.47 -3.55
CA ARG A 172 -2.64 -42.41 -3.48
C ARG A 172 -3.21 -43.82 -3.43
N ARG A 173 -4.20 -44.02 -2.56
CA ARG A 173 -4.86 -45.32 -2.42
C ARG A 173 -5.44 -45.64 -3.81
N GLU A 174 -5.98 -44.61 -4.43
CA GLU A 174 -6.59 -44.72 -5.75
C GLU A 174 -5.62 -45.41 -6.72
N ALA A 175 -4.40 -44.87 -6.80
CA ALA A 175 -3.38 -45.43 -7.67
C ALA A 175 -2.91 -46.82 -7.23
N LEU A 176 -2.54 -46.97 -5.96
CA LEU A 176 -2.08 -48.25 -5.44
C LEU A 176 -2.94 -49.39 -6.00
N VAL A 177 -4.26 -49.17 -5.99
CA VAL A 177 -5.21 -50.15 -6.49
C VAL A 177 -5.12 -50.32 -8.01
N MET A 178 -3.93 -50.68 -8.49
CA MET A 178 -3.67 -50.91 -9.91
C MET A 178 -2.18 -50.77 -10.20
N PHE A 201 -7.13 -54.83 -0.25
CA PHE A 201 -6.08 -53.91 -0.67
C PHE A 201 -5.59 -53.14 0.55
N ASP A 202 -5.32 -53.85 1.64
CA ASP A 202 -4.89 -53.22 2.88
C ASP A 202 -3.36 -52.99 2.97
N TYR A 203 -2.94 -51.82 2.51
CA TYR A 203 -1.52 -51.42 2.50
C TYR A 203 -1.34 -49.98 2.94
N PRO A 204 -0.20 -49.66 3.53
CA PRO A 204 -0.02 -48.26 3.93
C PRO A 204 0.23 -47.38 2.69
N VAL A 205 -0.17 -46.12 2.79
CA VAL A 205 -0.02 -45.17 1.69
C VAL A 205 0.69 -43.93 2.23
N TRP A 206 1.62 -43.37 1.46
CA TRP A 206 2.36 -42.20 1.92
C TRP A 206 2.21 -40.97 1.04
N LEU A 207 2.56 -39.80 1.59
CA LEU A 207 2.45 -38.55 0.85
C LEU A 207 3.35 -38.42 -0.36
N VAL A 208 4.59 -38.88 -0.22
CA VAL A 208 5.58 -38.77 -1.29
C VAL A 208 6.41 -40.02 -1.54
N GLY A 209 6.47 -40.42 -2.80
CA GLY A 209 7.28 -41.55 -3.21
C GLY A 209 6.92 -42.91 -2.67
N ASP A 210 5.65 -43.14 -2.35
CA ASP A 210 5.24 -44.44 -1.85
C ASP A 210 6.25 -44.94 -0.83
N LYS A 211 6.57 -44.10 0.14
CA LYS A 211 7.50 -44.45 1.20
C LYS A 211 7.36 -43.44 2.32
N LEU A 212 7.56 -43.90 3.54
CA LEU A 212 7.45 -43.04 4.71
C LEU A 212 8.54 -41.96 4.69
N THR A 213 8.17 -40.71 5.00
CA THR A 213 9.15 -39.63 5.02
C THR A 213 8.80 -38.66 6.14
N ILE A 214 9.65 -37.67 6.37
CA ILE A 214 9.36 -36.71 7.42
C ILE A 214 8.07 -35.96 7.10
N ALA A 215 7.61 -36.06 5.85
CA ALA A 215 6.38 -35.40 5.44
C ALA A 215 5.17 -36.08 6.10
N ASP A 216 5.19 -37.40 6.12
CA ASP A 216 4.11 -38.15 6.73
C ASP A 216 4.21 -38.01 8.25
N LEU A 217 5.41 -38.21 8.77
CA LEU A 217 5.66 -38.12 10.22
C LEU A 217 5.34 -36.80 10.92
N ALA A 218 5.54 -35.68 10.24
CA ALA A 218 5.30 -34.36 10.82
C ALA A 218 3.88 -34.12 11.30
N PHE A 219 2.92 -34.87 10.75
CA PHE A 219 1.52 -34.70 11.14
C PHE A 219 1.13 -35.57 12.32
N VAL A 220 1.86 -36.66 12.54
CA VAL A 220 1.52 -37.60 13.61
C VAL A 220 1.19 -37.01 14.98
N PRO A 221 2.10 -36.26 15.58
CA PRO A 221 1.80 -35.70 16.90
C PRO A 221 0.57 -34.80 16.91
N TRP A 222 0.43 -33.99 15.87
CA TRP A 222 -0.71 -33.07 15.78
C TRP A 222 -2.03 -33.79 15.55
N ASN A 223 -1.96 -34.95 14.89
CA ASN A 223 -3.14 -35.74 14.61
C ASN A 223 -3.76 -36.18 15.91
N ASN A 224 -2.92 -36.60 16.85
CA ASN A 224 -3.37 -37.07 18.16
C ASN A 224 -3.85 -35.95 19.06
N VAL A 225 -3.82 -34.72 18.56
CA VAL A 225 -4.22 -33.56 19.34
C VAL A 225 -5.52 -32.87 18.89
N VAL A 226 -5.88 -33.03 17.62
CA VAL A 226 -7.08 -32.40 17.07
C VAL A 226 -8.40 -32.75 17.74
N ASP A 227 -8.44 -33.88 18.43
CA ASP A 227 -9.65 -34.30 19.11
C ASP A 227 -10.01 -33.24 20.17
N ARG A 228 -9.00 -32.54 20.67
CA ARG A 228 -9.23 -31.52 21.67
C ARG A 228 -9.97 -30.29 21.11
N ILE A 229 -10.17 -30.26 19.80
CA ILE A 229 -10.92 -29.17 19.17
C ILE A 229 -12.13 -29.71 18.43
N GLY A 230 -12.57 -30.89 18.85
CA GLY A 230 -13.75 -31.48 18.24
C GLY A 230 -13.64 -32.12 16.87
N ILE A 231 -12.47 -32.63 16.53
CA ILE A 231 -12.33 -33.28 15.23
C ILE A 231 -12.09 -34.76 15.43
N ASN A 232 -12.94 -35.57 14.79
CA ASN A 232 -12.86 -37.01 14.87
C ASN A 232 -12.30 -37.52 13.55
N ILE A 233 -10.99 -37.76 13.54
CA ILE A 233 -10.29 -38.23 12.35
C ILE A 233 -10.84 -39.56 11.87
N LYS A 234 -11.10 -40.46 12.81
CA LYS A 234 -11.64 -41.78 12.49
C LYS A 234 -12.90 -41.68 11.63
N ILE A 235 -13.78 -40.75 11.99
CA ILE A 235 -15.02 -40.57 11.28
C ILE A 235 -14.95 -39.57 10.13
N GLU A 236 -14.27 -38.45 10.34
CA GLU A 236 -14.16 -37.42 9.31
C GLU A 236 -13.08 -37.64 8.23
N PHE A 237 -11.98 -38.27 8.61
CA PHE A 237 -10.91 -38.48 7.64
C PHE A 237 -10.33 -39.88 7.70
N PRO A 238 -11.06 -40.84 7.12
CA PRO A 238 -10.70 -42.26 7.07
C PRO A 238 -9.25 -42.51 6.67
N GLU A 239 -8.85 -42.03 5.50
CA GLU A 239 -7.48 -42.25 5.04
C GLU A 239 -6.45 -41.67 6.00
N VAL A 240 -6.78 -40.55 6.64
CA VAL A 240 -5.87 -39.95 7.59
C VAL A 240 -5.84 -40.82 8.82
N TYR A 241 -6.94 -41.52 9.08
CA TYR A 241 -7.03 -42.44 10.22
C TYR A 241 -6.09 -43.62 9.99
N LYS A 242 -6.17 -44.23 8.81
CA LYS A 242 -5.30 -45.36 8.48
C LYS A 242 -3.83 -44.96 8.57
N TRP A 243 -3.53 -43.89 7.86
CA TRP A 243 -2.20 -43.29 7.76
C TRP A 243 -1.62 -43.07 9.15
N THR A 244 -2.39 -42.42 10.01
CA THR A 244 -1.97 -42.15 11.37
C THR A 244 -1.71 -43.46 12.09
N LYS A 245 -2.64 -44.39 11.95
CA LYS A 245 -2.54 -45.69 12.58
C LYS A 245 -1.21 -46.40 12.21
N HIS A 246 -0.86 -46.39 10.92
CA HIS A 246 0.39 -47.04 10.50
C HIS A 246 1.60 -46.43 11.20
N MET A 247 1.62 -45.12 11.34
CA MET A 247 2.75 -44.48 11.97
C MET A 247 2.75 -44.76 13.47
N MET A 248 1.57 -44.77 14.07
CA MET A 248 1.44 -45.02 15.50
C MET A 248 1.86 -46.43 15.90
N ARG A 249 1.83 -47.35 14.95
CA ARG A 249 2.20 -48.73 15.21
C ARG A 249 3.71 -48.96 15.09
N ARG A 250 4.43 -47.95 14.62
CA ARG A 250 5.87 -48.10 14.47
C ARG A 250 6.53 -48.02 15.85
N PRO A 251 7.41 -48.99 16.15
CA PRO A 251 8.15 -49.06 17.43
C PRO A 251 8.92 -47.80 17.74
N ALA A 252 9.64 -47.28 16.74
CA ALA A 252 10.41 -46.06 16.94
C ALA A 252 9.46 -44.95 17.37
N VAL A 253 8.26 -44.96 16.82
CA VAL A 253 7.26 -43.95 17.13
C VAL A 253 6.72 -44.12 18.55
N ILE A 254 6.41 -45.35 18.91
CA ILE A 254 5.89 -45.67 20.24
C ILE A 254 6.88 -45.24 21.32
N LYS A 255 8.15 -45.59 21.14
CA LYS A 255 9.14 -45.25 22.13
C LYS A 255 9.18 -43.74 22.32
N ALA A 256 9.54 -43.02 21.26
CA ALA A 256 9.62 -41.57 21.30
C ALA A 256 8.47 -41.01 22.13
N LEU A 257 7.26 -41.42 21.78
CA LEU A 257 6.05 -40.99 22.48
C LEU A 257 5.99 -41.55 23.90
N SER B 6 -11.19 -21.11 -17.68
CA SER B 6 -10.64 -21.54 -19.00
C SER B 6 -9.22 -21.02 -19.19
N ARG B 7 -8.99 -19.78 -18.77
CA ARG B 7 -7.67 -19.14 -18.89
C ARG B 7 -6.58 -20.08 -18.35
N ILE B 8 -6.84 -20.62 -17.17
CA ILE B 8 -5.91 -21.53 -16.52
C ILE B 8 -5.86 -22.84 -17.31
N THR B 9 -7.00 -23.24 -17.85
CA THR B 9 -7.11 -24.46 -18.64
C THR B 9 -6.16 -24.44 -19.83
N LYS B 10 -6.41 -23.52 -20.77
CA LYS B 10 -5.60 -23.40 -21.97
C LYS B 10 -4.10 -23.38 -21.67
N PHE B 11 -3.71 -22.71 -20.58
CA PHE B 11 -2.30 -22.65 -20.23
C PHE B 11 -1.71 -24.03 -19.97
N PHE B 12 -2.45 -24.87 -19.26
CA PHE B 12 -1.97 -26.22 -18.98
C PHE B 12 -2.09 -27.11 -20.21
N GLN B 13 -2.63 -26.55 -21.29
CA GLN B 13 -2.79 -27.28 -22.55
C GLN B 13 -1.54 -27.09 -23.39
N GLU B 14 -0.85 -25.99 -23.15
CA GLU B 14 0.36 -25.66 -23.88
C GLU B 14 1.38 -25.01 -22.94
N GLN B 15 2.06 -25.84 -22.16
CA GLN B 15 3.06 -25.37 -21.20
C GLN B 15 4.46 -25.34 -21.80
N PRO B 16 5.26 -24.32 -21.42
CA PRO B 16 6.63 -24.17 -21.93
C PRO B 16 7.45 -25.42 -21.58
N LEU B 17 8.36 -25.80 -22.47
CA LEU B 17 9.20 -26.96 -22.23
C LEU B 17 10.37 -26.62 -21.32
N GLU B 18 10.53 -25.33 -21.07
CA GLU B 18 11.60 -24.85 -20.19
C GLU B 18 11.12 -23.59 -19.48
N GLY B 19 11.92 -23.11 -18.55
CA GLY B 19 11.56 -21.91 -17.80
C GLY B 19 10.75 -22.22 -16.56
N TYR B 20 10.04 -21.21 -16.05
CA TYR B 20 9.22 -21.37 -14.86
C TYR B 20 7.98 -20.53 -14.95
N THR B 21 6.90 -21.03 -14.35
CA THR B 21 5.66 -20.27 -14.31
C THR B 21 5.35 -20.09 -12.83
N LEU B 22 5.12 -18.84 -12.44
CA LEU B 22 4.81 -18.54 -11.05
C LEU B 22 3.37 -18.11 -10.85
N PHE B 23 2.58 -18.94 -10.17
CA PHE B 23 1.20 -18.57 -9.88
C PHE B 23 1.24 -17.74 -8.61
N SER B 24 0.67 -16.54 -8.68
CA SER B 24 0.71 -15.65 -7.54
C SER B 24 -0.54 -14.77 -7.47
N HIS B 25 -0.43 -13.67 -6.73
CA HIS B 25 -1.50 -12.69 -6.59
C HIS B 25 -0.78 -11.38 -6.29
N ARG B 26 -1.29 -10.27 -6.82
CA ARG B 26 -0.65 -8.98 -6.60
C ARG B 26 -0.64 -8.58 -5.12
N SER B 27 -1.37 -9.33 -4.30
CA SER B 27 -1.44 -9.01 -2.87
C SER B 27 -0.69 -10.01 -2.00
N ALA B 28 -0.31 -11.14 -2.58
CA ALA B 28 0.40 -12.18 -1.84
C ALA B 28 1.90 -11.93 -1.65
N PRO B 29 2.33 -11.64 -0.42
CA PRO B 29 3.75 -11.38 -0.13
C PRO B 29 4.60 -12.62 -0.40
N ASN B 30 4.03 -13.79 -0.15
CA ASN B 30 4.76 -15.03 -0.40
C ASN B 30 5.08 -15.15 -1.89
N GLY B 31 4.21 -14.59 -2.71
CA GLY B 31 4.42 -14.64 -4.14
C GLY B 31 5.62 -13.80 -4.51
N PHE B 32 5.62 -12.55 -4.05
CA PHE B 32 6.73 -11.66 -4.33
C PHE B 32 8.01 -12.20 -3.72
N LYS B 33 7.88 -12.95 -2.63
CA LYS B 33 9.05 -13.52 -1.99
C LYS B 33 9.73 -14.42 -3.00
N VAL B 34 8.94 -15.26 -3.65
CA VAL B 34 9.46 -16.19 -4.66
C VAL B 34 9.99 -15.46 -5.87
N ALA B 35 9.30 -14.40 -6.28
CA ALA B 35 9.73 -13.62 -7.44
C ALA B 35 11.14 -13.09 -7.20
N ILE B 36 11.37 -12.58 -6.00
CA ILE B 36 12.65 -12.04 -5.61
C ILE B 36 13.77 -13.05 -5.80
N VAL B 37 13.61 -14.22 -5.17
CA VAL B 37 14.61 -15.27 -5.28
C VAL B 37 14.81 -15.66 -6.73
N LEU B 38 13.70 -15.89 -7.41
CA LEU B 38 13.68 -16.24 -8.84
C LEU B 38 14.52 -15.22 -9.62
N SER B 39 14.28 -13.95 -9.33
CA SER B 39 14.98 -12.85 -10.00
C SER B 39 16.47 -12.77 -9.62
N GLU B 40 16.77 -12.94 -8.34
CA GLU B 40 18.16 -12.88 -7.89
C GLU B 40 19.01 -13.99 -8.48
N LEU B 41 18.38 -15.15 -8.71
CA LEU B 41 19.11 -16.30 -9.26
C LEU B 41 19.22 -16.31 -10.77
N GLY B 42 18.65 -15.29 -11.42
CA GLY B 42 18.72 -15.23 -12.87
C GLY B 42 17.76 -16.18 -13.59
N PHE B 43 16.79 -16.71 -12.85
CA PHE B 43 15.81 -17.61 -13.44
C PHE B 43 14.74 -16.84 -14.21
N HIS B 44 14.55 -17.19 -15.48
CA HIS B 44 13.55 -16.53 -16.31
C HIS B 44 12.21 -17.23 -16.08
N TYR B 45 11.15 -16.43 -15.88
CA TYR B 45 9.83 -16.99 -15.59
C TYR B 45 8.73 -16.00 -15.90
N ASN B 46 7.50 -16.50 -15.95
CA ASN B 46 6.37 -15.62 -16.14
C ASN B 46 5.44 -15.81 -14.95
N THR B 47 4.67 -14.77 -14.65
CA THR B 47 3.74 -14.81 -13.53
C THR B 47 2.30 -14.81 -14.03
N ILE B 48 1.48 -15.62 -13.38
CA ILE B 48 0.06 -15.70 -13.70
C ILE B 48 -0.67 -15.28 -12.44
N PHE B 49 -1.15 -14.04 -12.40
CA PHE B 49 -1.88 -13.58 -11.22
C PHE B 49 -3.28 -14.16 -11.27
N LEU B 50 -3.61 -14.95 -10.26
CA LEU B 50 -4.91 -15.60 -10.19
C LEU B 50 -6.00 -14.69 -9.65
N ASP B 51 -7.16 -14.75 -10.30
CA ASP B 51 -8.30 -13.95 -9.88
C ASP B 51 -9.11 -14.83 -8.93
N PHE B 52 -8.89 -14.65 -7.63
CA PHE B 52 -9.61 -15.44 -6.64
C PHE B 52 -11.10 -15.17 -6.67
N ASN B 53 -11.46 -14.00 -7.18
CA ASN B 53 -12.85 -13.61 -7.30
C ASN B 53 -13.52 -14.64 -8.23
N LEU B 54 -12.87 -14.90 -9.37
CA LEU B 54 -13.39 -15.85 -10.34
C LEU B 54 -13.20 -17.29 -9.88
N GLY B 55 -12.62 -17.47 -8.71
CA GLY B 55 -12.39 -18.80 -8.19
C GLY B 55 -11.42 -19.62 -9.05
N GLU B 56 -10.52 -18.93 -9.76
CA GLU B 56 -9.56 -19.61 -10.61
C GLU B 56 -8.70 -20.57 -9.78
N HIS B 57 -8.49 -20.22 -8.51
CA HIS B 57 -7.70 -21.05 -7.61
C HIS B 57 -8.42 -22.34 -7.24
N ARG B 58 -9.65 -22.49 -7.73
CA ARG B 58 -10.44 -23.68 -7.47
C ARG B 58 -10.46 -24.56 -8.72
N ALA B 59 -9.83 -24.06 -9.78
CA ALA B 59 -9.74 -24.77 -11.05
C ALA B 59 -8.98 -26.08 -10.87
N PRO B 60 -9.52 -27.18 -11.43
CA PRO B 60 -8.93 -28.51 -11.36
C PRO B 60 -7.44 -28.54 -11.72
N GLU B 61 -7.08 -27.79 -12.75
CA GLU B 61 -5.69 -27.73 -13.19
C GLU B 61 -4.77 -27.20 -12.10
N PHE B 62 -5.25 -26.21 -11.36
CA PHE B 62 -4.46 -25.59 -10.31
C PHE B 62 -4.34 -26.44 -9.05
N VAL B 63 -5.43 -27.09 -8.66
CA VAL B 63 -5.41 -27.95 -7.49
C VAL B 63 -4.46 -29.14 -7.74
N SER B 64 -4.23 -29.44 -9.01
CA SER B 64 -3.31 -30.53 -9.38
C SER B 64 -1.90 -30.05 -9.04
N VAL B 65 -1.61 -28.84 -9.46
CA VAL B 65 -0.32 -28.21 -9.20
C VAL B 65 -0.16 -28.05 -7.70
N ASN B 66 -1.10 -27.32 -7.09
CA ASN B 66 -1.07 -27.09 -5.65
C ASN B 66 -2.37 -27.53 -4.96
N PRO B 67 -2.36 -28.73 -4.36
CA PRO B 67 -3.53 -29.28 -3.67
C PRO B 67 -4.14 -28.40 -2.58
N ASN B 68 -3.35 -27.48 -2.04
CA ASN B 68 -3.81 -26.59 -0.97
C ASN B 68 -4.58 -25.37 -1.52
N ALA B 69 -4.61 -25.25 -2.86
CA ALA B 69 -5.32 -24.18 -3.56
C ALA B 69 -5.00 -22.77 -3.09
N ARG B 70 -3.73 -22.51 -2.85
CA ARG B 70 -3.28 -21.19 -2.40
C ARG B 70 -2.07 -20.79 -3.26
N VAL B 71 -1.56 -19.58 -3.06
CA VAL B 71 -0.38 -19.14 -3.81
C VAL B 71 0.66 -18.74 -2.79
N PRO B 72 1.95 -18.79 -3.18
CA PRO B 72 2.45 -19.16 -4.49
C PRO B 72 2.64 -20.66 -4.77
N ALA B 73 2.72 -20.97 -6.05
CA ALA B 73 2.98 -22.31 -6.56
C ALA B 73 3.87 -22.05 -7.77
N LEU B 74 4.89 -22.89 -7.96
CA LEU B 74 5.82 -22.72 -9.06
C LEU B 74 5.84 -23.95 -9.94
N ILE B 75 6.03 -23.76 -11.23
CA ILE B 75 6.13 -24.90 -12.13
C ILE B 75 7.50 -24.90 -12.79
N ASP B 76 8.27 -25.95 -12.50
CA ASP B 76 9.60 -26.09 -13.05
C ASP B 76 9.43 -26.93 -14.31
N HIS B 77 9.22 -26.24 -15.43
CA HIS B 77 9.01 -26.89 -16.74
C HIS B 77 10.19 -27.76 -17.16
N GLY B 78 11.39 -27.21 -17.06
CA GLY B 78 12.57 -27.98 -17.42
C GLY B 78 12.65 -29.31 -16.68
N MET B 79 11.84 -29.46 -15.63
CA MET B 79 11.86 -30.71 -14.86
C MET B 79 10.58 -31.51 -15.02
N ASP B 80 10.08 -31.56 -16.26
CA ASP B 80 8.88 -32.32 -16.58
C ASP B 80 7.66 -31.70 -15.94
N ASN B 81 7.68 -30.37 -15.86
CA ASN B 81 6.60 -29.58 -15.27
C ASN B 81 6.35 -29.87 -13.81
N LEU B 82 7.43 -30.13 -13.09
CA LEU B 82 7.35 -30.38 -11.66
C LEU B 82 6.64 -29.19 -11.01
N SER B 83 5.77 -29.48 -10.06
CA SER B 83 5.03 -28.45 -9.37
C SER B 83 5.44 -28.30 -7.91
N ILE B 84 5.93 -27.13 -7.54
CA ILE B 84 6.31 -26.93 -6.15
C ILE B 84 5.41 -25.88 -5.50
N TRP B 85 4.75 -26.26 -4.41
CA TRP B 85 3.87 -25.33 -3.68
C TRP B 85 4.43 -25.09 -2.29
N GLU B 86 3.97 -24.02 -1.64
CA GLU B 86 4.46 -23.56 -0.34
C GLU B 86 5.71 -22.77 -0.67
N SER B 87 5.70 -21.47 -0.35
CA SER B 87 6.83 -20.59 -0.65
C SER B 87 8.17 -21.08 -0.10
N GLY B 88 8.13 -21.65 1.10
CA GLY B 88 9.34 -22.15 1.71
C GLY B 88 9.92 -23.31 0.92
N ALA B 89 9.05 -24.17 0.42
CA ALA B 89 9.52 -25.32 -0.35
C ALA B 89 10.15 -24.80 -1.63
N ILE B 90 9.46 -23.86 -2.28
CA ILE B 90 9.94 -23.29 -3.52
C ILE B 90 11.32 -22.65 -3.37
N LEU B 91 11.53 -21.88 -2.30
CA LEU B 91 12.83 -21.26 -2.10
C LEU B 91 13.93 -22.31 -2.04
N LEU B 92 13.72 -23.39 -1.29
CA LEU B 92 14.71 -24.44 -1.19
C LEU B 92 14.97 -25.13 -2.53
N HIS B 93 13.91 -25.40 -3.28
CA HIS B 93 14.07 -26.05 -4.56
C HIS B 93 14.96 -25.17 -5.41
N LEU B 94 14.72 -23.86 -5.38
CA LEU B 94 15.51 -22.92 -6.16
C LEU B 94 16.99 -22.85 -5.79
N VAL B 95 17.33 -22.49 -4.55
CA VAL B 95 18.74 -22.40 -4.20
C VAL B 95 19.47 -23.72 -4.42
N ASN B 96 18.78 -24.84 -4.27
CA ASN B 96 19.38 -26.15 -4.50
C ASN B 96 19.67 -26.37 -5.97
N LYS B 97 18.69 -26.02 -6.80
CA LYS B 97 18.84 -26.22 -8.23
C LYS B 97 19.91 -25.30 -8.79
N TYR B 98 20.01 -24.10 -8.24
CA TYR B 98 21.02 -23.17 -8.70
C TYR B 98 22.40 -23.64 -8.28
N TYR B 99 22.47 -24.31 -7.14
CA TYR B 99 23.75 -24.77 -6.65
C TYR B 99 24.29 -25.99 -7.38
N LYS B 100 23.43 -26.96 -7.65
CA LYS B 100 23.87 -28.16 -8.36
C LYS B 100 24.23 -27.82 -9.81
N GLU B 101 23.62 -26.77 -10.35
CA GLU B 101 23.90 -26.39 -11.73
C GLU B 101 25.16 -25.56 -11.93
N THR B 102 25.46 -24.66 -11.00
CA THR B 102 26.63 -23.80 -11.15
C THR B 102 27.80 -24.10 -10.22
N GLY B 103 27.52 -24.75 -9.08
CA GLY B 103 28.59 -25.03 -8.14
C GLY B 103 28.79 -23.86 -7.17
N ASN B 104 27.95 -22.84 -7.28
CA ASN B 104 28.01 -21.67 -6.40
C ASN B 104 26.71 -21.60 -5.59
N PRO B 105 26.81 -21.69 -4.26
CA PRO B 105 25.62 -21.63 -3.41
C PRO B 105 25.09 -20.22 -3.16
N LEU B 106 24.78 -19.52 -4.25
CA LEU B 106 24.24 -18.16 -4.20
C LEU B 106 22.99 -18.07 -3.32
N LEU B 107 22.98 -17.14 -2.37
CA LEU B 107 21.85 -16.93 -1.45
C LEU B 107 21.59 -18.17 -0.59
N TRP B 108 22.55 -19.09 -0.60
CA TRP B 108 22.44 -20.37 0.11
C TRP B 108 23.80 -20.62 0.79
N SER B 109 24.16 -21.89 0.92
CA SER B 109 25.44 -22.27 1.54
C SER B 109 25.72 -23.73 1.17
N ASP B 110 27.00 -24.08 1.12
CA ASP B 110 27.40 -25.44 0.79
C ASP B 110 27.87 -26.15 2.07
N ASP B 111 27.69 -25.48 3.20
CA ASP B 111 28.06 -26.01 4.51
C ASP B 111 26.78 -26.42 5.23
N LEU B 112 26.77 -27.64 5.76
CA LEU B 112 25.59 -28.16 6.43
C LEU B 112 25.08 -27.30 7.60
N ALA B 113 26.00 -26.86 8.45
CA ALA B 113 25.63 -26.06 9.59
C ALA B 113 24.95 -24.76 9.19
N ASP B 114 25.48 -24.10 8.16
CA ASP B 114 24.91 -22.84 7.68
C ASP B 114 23.51 -23.03 7.14
N GLN B 115 23.29 -24.15 6.46
CA GLN B 115 21.98 -24.45 5.91
C GLN B 115 20.97 -24.64 7.02
N SER B 116 21.41 -25.28 8.10
CA SER B 116 20.51 -25.51 9.23
C SER B 116 20.12 -24.15 9.79
N GLN B 117 21.06 -23.20 9.74
CA GLN B 117 20.79 -21.86 10.22
C GLN B 117 19.84 -21.14 9.27
N ILE B 118 20.11 -21.24 7.98
CA ILE B 118 19.25 -20.62 6.99
C ILE B 118 17.83 -21.18 7.11
N ASN B 119 17.70 -22.49 7.19
CA ASN B 119 16.38 -23.10 7.32
C ASN B 119 15.62 -22.61 8.57
N ALA B 120 16.33 -22.46 9.68
CA ALA B 120 15.73 -22.00 10.92
C ALA B 120 14.98 -20.69 10.71
N TRP B 121 15.68 -19.70 10.17
CA TRP B 121 15.08 -18.40 9.91
C TRP B 121 13.98 -18.53 8.87
N LEU B 122 14.14 -19.47 7.95
CA LEU B 122 13.16 -19.67 6.90
C LEU B 122 11.86 -20.22 7.46
N PHE B 123 11.94 -21.30 8.25
CA PHE B 123 10.73 -21.88 8.84
C PHE B 123 10.13 -20.88 9.83
N PHE B 124 10.97 -20.14 10.53
CA PHE B 124 10.48 -19.15 11.46
C PHE B 124 9.68 -18.08 10.70
N GLN B 125 10.16 -17.70 9.53
CA GLN B 125 9.46 -16.71 8.72
C GLN B 125 8.13 -17.26 8.23
N THR B 126 8.14 -18.46 7.66
CA THR B 126 6.93 -19.08 7.14
C THR B 126 5.96 -19.59 8.22
N SER B 127 6.49 -19.98 9.37
CA SER B 127 5.65 -20.52 10.42
C SER B 127 5.21 -19.51 11.49
N GLY B 128 6.11 -18.62 11.88
CA GLY B 128 5.77 -17.67 12.93
C GLY B 128 5.60 -16.21 12.54
N HIS B 129 6.16 -15.84 11.41
CA HIS B 129 6.09 -14.47 10.92
C HIS B 129 4.81 -14.29 10.09
N ALA B 130 4.81 -14.88 8.90
CA ALA B 130 3.68 -14.77 7.98
C ALA B 130 2.29 -15.09 8.53
N PRO B 131 2.10 -16.29 9.12
CA PRO B 131 0.77 -16.59 9.64
C PRO B 131 0.22 -15.53 10.61
N MET B 132 1.09 -15.04 11.48
CA MET B 132 0.69 -14.05 12.46
C MET B 132 0.29 -12.71 11.82
N ILE B 133 1.07 -12.24 10.86
CA ILE B 133 0.72 -10.99 10.20
C ILE B 133 -0.66 -11.19 9.56
N GLY B 134 -0.87 -12.38 9.01
CA GLY B 134 -2.15 -12.68 8.40
C GLY B 134 -3.31 -12.71 9.39
N GLN B 135 -3.10 -13.25 10.59
CA GLN B 135 -4.19 -13.28 11.55
C GLN B 135 -4.46 -11.89 12.10
N ALA B 136 -3.42 -11.06 12.14
CA ALA B 136 -3.59 -9.70 12.63
C ALA B 136 -4.46 -8.96 11.63
N LEU B 137 -4.02 -8.97 10.37
CA LEU B 137 -4.75 -8.31 9.30
C LEU B 137 -6.19 -8.78 9.27
N HIS B 138 -6.39 -10.07 9.52
CA HIS B 138 -7.74 -10.63 9.48
C HIS B 138 -8.70 -10.01 10.47
N PHE B 139 -8.34 -9.99 11.74
CA PHE B 139 -9.22 -9.43 12.74
C PHE B 139 -9.31 -7.92 12.62
N ARG B 140 -8.19 -7.28 12.34
CA ARG B 140 -8.18 -5.84 12.18
C ARG B 140 -9.10 -5.41 11.05
N TYR B 141 -9.10 -6.17 9.95
CA TYR B 141 -9.91 -5.78 8.78
C TYR B 141 -10.94 -6.72 8.17
N PHE B 142 -10.79 -8.04 8.28
CA PHE B 142 -11.72 -8.92 7.59
C PHE B 142 -12.63 -9.85 8.38
N HIS B 143 -12.58 -9.80 9.69
CA HIS B 143 -13.43 -10.69 10.45
C HIS B 143 -14.92 -10.30 10.40
N SER B 144 -15.78 -11.27 10.68
CA SER B 144 -17.22 -11.04 10.68
C SER B 144 -17.64 -10.10 11.82
N GLN B 145 -16.73 -9.84 12.75
CA GLN B 145 -17.03 -8.95 13.86
C GLN B 145 -15.72 -8.39 14.43
N LYS B 146 -15.82 -7.31 15.19
CA LYS B 146 -14.63 -6.72 15.78
C LYS B 146 -14.27 -7.40 17.08
N ILE B 147 -13.00 -7.73 17.24
CA ILE B 147 -12.53 -8.39 18.45
C ILE B 147 -11.20 -7.79 18.85
N ALA B 148 -11.25 -6.67 19.55
CA ALA B 148 -10.03 -6.00 20.00
C ALA B 148 -8.96 -6.94 20.61
N SER B 149 -9.39 -7.91 21.42
CA SER B 149 -8.43 -8.79 22.06
C SER B 149 -7.69 -9.70 21.08
N ALA B 150 -8.33 -10.03 19.96
CA ALA B 150 -7.70 -10.87 18.93
C ALA B 150 -6.70 -10.01 18.17
N VAL B 151 -7.10 -8.79 17.82
CA VAL B 151 -6.24 -7.86 17.10
C VAL B 151 -4.99 -7.62 17.94
N GLU B 152 -5.18 -7.37 19.23
CA GLU B 152 -4.07 -7.14 20.13
C GLU B 152 -3.18 -8.37 20.30
N ARG B 153 -3.78 -9.56 20.29
CA ARG B 153 -3.01 -10.80 20.42
C ARG B 153 -2.02 -10.94 19.27
N TYR B 154 -2.50 -10.87 18.05
CA TYR B 154 -1.63 -11.02 16.89
C TYR B 154 -0.71 -9.85 16.63
N THR B 155 -1.17 -8.64 16.91
CA THR B 155 -0.32 -7.48 16.70
C THR B 155 0.91 -7.62 17.61
N ASP B 156 0.67 -7.99 18.87
CA ASP B 156 1.74 -8.17 19.86
C ASP B 156 2.71 -9.23 19.38
N GLU B 157 2.16 -10.36 18.97
CA GLU B 157 2.96 -11.48 18.49
C GLU B 157 3.87 -11.05 17.35
N VAL B 158 3.31 -10.32 16.38
CA VAL B 158 4.10 -9.85 15.26
C VAL B 158 5.19 -8.93 15.75
N ARG B 159 4.93 -8.17 16.81
CA ARG B 159 5.95 -7.28 17.34
C ARG B 159 7.02 -8.12 18.02
N ARG B 160 6.58 -9.17 18.70
CA ARG B 160 7.49 -10.05 19.39
C ARG B 160 8.46 -10.71 18.40
N VAL B 161 7.93 -11.26 17.32
CA VAL B 161 8.77 -11.91 16.34
C VAL B 161 9.74 -10.93 15.70
N TYR B 162 9.31 -9.68 15.49
CA TYR B 162 10.21 -8.70 14.90
C TYR B 162 11.30 -8.33 15.90
N GLY B 163 11.04 -8.55 17.19
CA GLY B 163 12.02 -8.25 18.22
C GLY B 163 13.17 -9.23 18.15
N VAL B 164 12.84 -10.49 17.87
CA VAL B 164 13.85 -11.54 17.76
C VAL B 164 14.78 -11.25 16.58
N VAL B 165 14.21 -10.80 15.47
CA VAL B 165 14.99 -10.48 14.30
C VAL B 165 15.88 -9.27 14.59
N GLU B 166 15.28 -8.27 15.22
CA GLU B 166 15.99 -7.05 15.56
C GLU B 166 17.17 -7.38 16.47
N MET B 167 16.89 -8.11 17.54
CA MET B 167 17.91 -8.50 18.50
C MET B 167 19.03 -9.28 17.81
N ALA B 168 18.65 -10.16 16.88
CA ALA B 168 19.62 -10.95 16.14
C ALA B 168 20.51 -10.06 15.28
N LEU B 169 19.88 -9.15 14.54
CA LEU B 169 20.63 -8.22 13.70
C LEU B 169 21.55 -7.36 14.55
N ALA B 170 21.01 -6.80 15.63
CA ALA B 170 21.81 -5.98 16.52
C ALA B 170 23.01 -6.79 17.03
N GLU B 171 22.77 -8.07 17.33
CA GLU B 171 23.83 -8.95 17.81
C GLU B 171 24.91 -9.16 16.76
N ARG B 172 24.50 -9.34 15.51
CA ARG B 172 25.45 -9.53 14.42
C ARG B 172 26.33 -8.30 14.27
N ARG B 173 25.70 -7.12 14.33
CA ARG B 173 26.42 -5.86 14.22
C ARG B 173 27.44 -5.76 15.34
N GLU B 174 26.96 -5.94 16.56
CA GLU B 174 27.82 -5.89 17.73
C GLU B 174 29.09 -6.71 17.50
N ALA B 175 28.90 -7.95 17.07
CA ALA B 175 30.02 -8.87 16.82
C ALA B 175 31.08 -8.35 15.87
N LEU B 176 30.65 -7.80 14.73
CA LEU B 176 31.59 -7.28 13.74
C LEU B 176 32.36 -6.06 14.21
N VAL B 177 31.89 -5.43 15.29
CA VAL B 177 32.55 -4.26 15.85
C VAL B 177 33.81 -4.67 16.60
N MET B 178 33.97 -5.97 16.81
CA MET B 178 35.14 -6.50 17.50
C MET B 178 35.94 -7.39 16.56
N ASP B 202 27.05 1.95 9.44
CA ASP B 202 25.97 1.31 8.71
C ASP B 202 26.46 0.24 7.74
N TYR B 203 27.38 -0.60 8.20
CA TYR B 203 27.89 -1.69 7.38
C TYR B 203 26.76 -2.71 7.31
N PRO B 204 26.51 -3.30 6.13
CA PRO B 204 25.43 -4.29 6.02
C PRO B 204 25.59 -5.54 6.89
N VAL B 205 24.50 -5.95 7.53
CA VAL B 205 24.51 -7.13 8.40
C VAL B 205 23.50 -8.18 7.93
N TRP B 206 23.83 -9.46 8.08
CA TRP B 206 22.92 -10.51 7.63
C TRP B 206 22.72 -11.62 8.66
N LEU B 207 21.56 -12.27 8.57
CA LEU B 207 21.21 -13.34 9.50
C LEU B 207 22.18 -14.51 9.56
N VAL B 208 22.67 -14.98 8.41
CA VAL B 208 23.59 -16.10 8.43
C VAL B 208 24.85 -15.91 7.59
N GLY B 209 25.97 -16.40 8.13
CA GLY B 209 27.25 -16.32 7.46
C GLY B 209 27.65 -14.99 6.85
N ASP B 210 27.30 -13.89 7.50
CA ASP B 210 27.66 -12.58 7.00
C ASP B 210 27.46 -12.41 5.49
N LYS B 211 26.43 -13.05 4.95
CA LYS B 211 26.12 -12.95 3.52
C LYS B 211 24.62 -13.04 3.28
N LEU B 212 24.16 -12.38 2.22
CA LEU B 212 22.74 -12.40 1.89
C LEU B 212 22.33 -13.82 1.47
N THR B 213 21.31 -14.35 2.14
CA THR B 213 20.80 -15.68 1.80
C THR B 213 19.30 -15.53 1.68
N ILE B 214 18.61 -16.62 1.37
CA ILE B 214 17.15 -16.55 1.26
C ILE B 214 16.60 -16.25 2.65
N ALA B 215 17.41 -16.43 3.68
CA ALA B 215 17.00 -16.16 5.05
C ALA B 215 16.57 -14.71 5.19
N ASP B 216 17.43 -13.80 4.74
CA ASP B 216 17.15 -12.37 4.82
C ASP B 216 16.01 -11.95 3.90
N LEU B 217 16.06 -12.41 2.66
CA LEU B 217 15.06 -12.07 1.66
C LEU B 217 13.61 -12.44 1.99
N ALA B 218 13.41 -13.63 2.56
CA ALA B 218 12.07 -14.09 2.89
C ALA B 218 11.25 -13.05 3.63
N PHE B 219 11.91 -12.21 4.42
CA PHE B 219 11.19 -11.20 5.19
C PHE B 219 10.82 -9.92 4.43
N VAL B 220 11.55 -9.63 3.35
CA VAL B 220 11.31 -8.40 2.58
C VAL B 220 9.88 -8.08 2.16
N PRO B 221 9.19 -9.02 1.50
CA PRO B 221 7.83 -8.72 1.07
C PRO B 221 6.88 -8.38 2.23
N TRP B 222 7.14 -8.99 3.38
CA TRP B 222 6.31 -8.77 4.56
C TRP B 222 6.64 -7.46 5.25
N ASN B 223 7.92 -7.17 5.39
CA ASN B 223 8.34 -5.94 6.02
C ASN B 223 7.57 -4.76 5.42
N ASN B 224 7.17 -4.91 4.17
CA ASN B 224 6.46 -3.86 3.46
C ASN B 224 4.96 -3.78 3.68
N VAL B 225 4.44 -4.63 4.55
CA VAL B 225 2.99 -4.62 4.81
C VAL B 225 2.60 -4.38 6.25
N VAL B 226 3.47 -4.76 7.18
CA VAL B 226 3.20 -4.60 8.60
C VAL B 226 2.75 -3.20 9.01
N ASP B 227 2.97 -2.21 8.15
CA ASP B 227 2.53 -0.86 8.45
C ASP B 227 0.99 -0.89 8.56
N ARG B 228 0.37 -1.72 7.73
CA ARG B 228 -1.08 -1.86 7.71
C ARG B 228 -1.69 -2.35 9.02
N ILE B 229 -0.87 -2.88 9.92
CA ILE B 229 -1.40 -3.31 11.22
C ILE B 229 -0.80 -2.42 12.30
N GLY B 230 -0.40 -1.22 11.89
CA GLY B 230 0.15 -0.25 12.83
C GLY B 230 1.56 -0.47 13.34
N ILE B 231 2.39 -1.18 12.59
CA ILE B 231 3.76 -1.39 13.02
C ILE B 231 4.63 -0.49 12.18
N ASN B 232 5.48 0.29 12.84
CA ASN B 232 6.37 1.22 12.17
C ASN B 232 7.81 0.74 12.30
N ILE B 233 8.22 -0.10 11.35
CA ILE B 233 9.55 -0.68 11.34
C ILE B 233 10.65 0.36 11.49
N LYS B 234 10.71 1.29 10.55
CA LYS B 234 11.72 2.34 10.56
C LYS B 234 11.96 2.86 11.97
N ILE B 235 10.87 3.04 12.72
CA ILE B 235 10.98 3.57 14.07
C ILE B 235 11.17 2.55 15.18
N GLU B 236 10.36 1.50 15.19
CA GLU B 236 10.47 0.51 16.26
C GLU B 236 11.54 -0.56 16.07
N PHE B 237 12.02 -0.76 14.85
CA PHE B 237 13.05 -1.76 14.60
C PHE B 237 14.14 -1.25 13.66
N PRO B 238 14.99 -0.33 14.16
CA PRO B 238 16.09 0.28 13.42
C PRO B 238 16.95 -0.68 12.60
N GLU B 239 17.35 -1.79 13.22
CA GLU B 239 18.18 -2.78 12.53
C GLU B 239 17.43 -3.41 11.36
N VAL B 240 16.15 -3.72 11.58
CA VAL B 240 15.36 -4.30 10.51
C VAL B 240 15.18 -3.29 9.39
N TYR B 241 15.13 -2.01 9.74
CA TYR B 241 14.98 -0.96 8.75
C TYR B 241 16.19 -0.87 7.80
N LYS B 242 17.39 -0.82 8.37
CA LYS B 242 18.61 -0.74 7.55
C LYS B 242 18.69 -1.96 6.64
N TRP B 243 18.48 -3.11 7.26
CA TRP B 243 18.48 -4.42 6.64
C TRP B 243 17.56 -4.43 5.42
N THR B 244 16.28 -4.17 5.63
CA THR B 244 15.33 -4.15 4.55
C THR B 244 15.79 -3.16 3.46
N LYS B 245 16.28 -2.00 3.86
CA LYS B 245 16.74 -1.01 2.89
C LYS B 245 17.88 -1.49 2.01
N HIS B 246 18.88 -2.14 2.60
CA HIS B 246 19.98 -2.64 1.80
C HIS B 246 19.38 -3.55 0.73
N MET B 247 18.47 -4.41 1.13
CA MET B 247 17.84 -5.34 0.21
C MET B 247 16.92 -4.64 -0.81
N MET B 248 16.26 -3.59 -0.37
CA MET B 248 15.35 -2.84 -1.26
C MET B 248 16.10 -2.10 -2.37
N ARG B 249 17.42 -2.00 -2.23
CA ARG B 249 18.26 -1.32 -3.21
C ARG B 249 18.85 -2.25 -4.28
N ARG B 250 18.62 -3.56 -4.15
CA ARG B 250 19.15 -4.50 -5.12
C ARG B 250 18.27 -4.56 -6.36
N PRO B 251 18.87 -4.41 -7.55
CA PRO B 251 18.15 -4.43 -8.83
C PRO B 251 17.15 -5.57 -8.91
N ALA B 252 17.64 -6.78 -8.73
CA ALA B 252 16.81 -7.99 -8.75
C ALA B 252 15.61 -7.84 -7.84
N VAL B 253 15.81 -7.30 -6.65
CA VAL B 253 14.68 -7.14 -5.73
C VAL B 253 13.67 -6.15 -6.29
N ILE B 254 14.16 -5.00 -6.73
CA ILE B 254 13.29 -3.98 -7.30
C ILE B 254 12.53 -4.56 -8.49
N LYS B 255 13.25 -5.24 -9.37
CA LYS B 255 12.63 -5.85 -10.55
C LYS B 255 11.47 -6.78 -10.17
N ALA B 256 11.67 -7.59 -9.13
CA ALA B 256 10.64 -8.52 -8.69
C ALA B 256 9.40 -7.80 -8.16
N LEU B 257 9.62 -6.83 -7.26
CA LEU B 257 8.52 -6.08 -6.65
C LEU B 257 7.78 -5.18 -7.64
N ARG B 258 8.27 -5.09 -8.86
CA ARG B 258 7.64 -4.27 -9.90
C ARG B 258 6.89 -5.15 -10.89
N GLY B 259 7.42 -6.34 -11.14
CA GLY B 259 6.81 -7.26 -12.08
C GLY B 259 5.45 -7.78 -11.65
N SER C 6 -5.60 26.62 24.97
CA SER C 6 -6.83 26.27 24.20
C SER C 6 -6.76 24.86 23.63
N ARG C 7 -6.16 23.95 24.39
CA ARG C 7 -6.02 22.55 23.95
C ARG C 7 -5.11 22.44 22.75
N ILE C 8 -5.46 23.18 21.69
CA ILE C 8 -4.65 23.17 20.49
C ILE C 8 -3.29 23.69 20.91
N THR C 9 -3.29 24.63 21.85
CA THR C 9 -2.06 25.21 22.35
C THR C 9 -1.24 24.14 23.04
N LYS C 10 -1.93 23.22 23.70
CA LYS C 10 -1.28 22.13 24.42
C LYS C 10 -0.63 21.14 23.46
N PHE C 11 -1.36 20.75 22.42
CA PHE C 11 -0.84 19.82 21.43
C PHE C 11 0.49 20.33 20.87
N PHE C 12 0.60 21.64 20.67
CA PHE C 12 1.81 22.21 20.11
C PHE C 12 3.04 22.13 21.00
N GLN C 13 2.82 21.97 22.30
CA GLN C 13 3.93 21.87 23.24
C GLN C 13 4.29 20.40 23.36
N GLU C 14 3.47 19.54 22.75
CA GLU C 14 3.69 18.11 22.80
C GLU C 14 3.72 17.43 21.45
N GLN C 15 4.21 18.14 20.43
CA GLN C 15 4.26 17.56 19.10
C GLN C 15 5.22 16.38 19.03
N PRO C 16 4.86 15.34 18.26
CA PRO C 16 5.77 14.20 18.14
C PRO C 16 6.87 14.63 17.18
N LEU C 17 7.92 13.82 17.07
CA LEU C 17 9.06 14.11 16.20
C LEU C 17 8.89 13.45 14.84
N GLU C 18 8.06 12.41 14.84
CA GLU C 18 7.78 11.64 13.63
C GLU C 18 6.28 11.60 13.39
N GLY C 19 5.90 11.13 12.20
CA GLY C 19 4.50 11.00 11.87
C GLY C 19 3.83 12.22 11.28
N TYR C 20 2.51 12.25 11.39
CA TYR C 20 1.71 13.33 10.87
C TYR C 20 0.56 13.64 11.79
N THR C 21 0.20 14.90 11.86
CA THR C 21 -0.93 15.35 12.66
C THR C 21 -1.85 16.01 11.67
N LEU C 22 -3.04 15.45 11.51
CA LEU C 22 -4.02 15.97 10.57
C LEU C 22 -5.14 16.69 11.29
N PHE C 23 -5.35 17.94 10.94
CA PHE C 23 -6.43 18.74 11.52
C PHE C 23 -7.64 18.60 10.60
N SER C 24 -8.79 18.28 11.19
CA SER C 24 -9.98 18.11 10.40
C SER C 24 -11.24 18.42 11.19
N HIS C 25 -12.39 18.05 10.64
CA HIS C 25 -13.66 18.26 11.30
C HIS C 25 -14.48 17.00 11.11
N ARG C 26 -15.26 16.67 12.11
CA ARG C 26 -16.09 15.47 12.10
C ARG C 26 -16.98 15.33 10.88
N SER C 27 -17.27 16.44 10.19
CA SER C 27 -18.14 16.35 9.01
C SER C 27 -17.53 16.97 7.76
N ALA C 28 -16.21 17.06 7.73
CA ALA C 28 -15.53 17.65 6.58
C ALA C 28 -15.09 16.60 5.58
N PRO C 29 -15.77 16.51 4.43
CA PRO C 29 -15.39 15.52 3.41
C PRO C 29 -13.90 15.71 3.10
N ASN C 30 -13.51 16.97 3.09
CA ASN C 30 -12.14 17.42 2.83
C ASN C 30 -11.11 16.70 3.65
N GLY C 31 -11.32 16.71 4.96
CA GLY C 31 -10.41 16.06 5.87
C GLY C 31 -10.41 14.56 5.73
N PHE C 32 -11.60 13.97 5.58
CA PHE C 32 -11.66 12.51 5.43
C PHE C 32 -10.94 12.04 4.18
N LYS C 33 -10.84 12.91 3.18
CA LYS C 33 -10.14 12.60 1.94
C LYS C 33 -8.64 12.41 2.25
N VAL C 34 -8.11 13.25 3.13
CA VAL C 34 -6.71 13.18 3.51
C VAL C 34 -6.44 11.93 4.34
N ALA C 35 -7.34 11.61 5.26
CA ALA C 35 -7.18 10.43 6.11
C ALA C 35 -7.19 9.18 5.24
N ILE C 36 -8.06 9.19 4.24
CA ILE C 36 -8.16 8.09 3.29
C ILE C 36 -6.82 7.88 2.61
N VAL C 37 -6.25 8.95 2.06
CA VAL C 37 -4.98 8.84 1.37
C VAL C 37 -3.88 8.46 2.35
N LEU C 38 -3.85 9.15 3.48
CA LEU C 38 -2.87 8.88 4.53
C LEU C 38 -2.88 7.37 4.85
N SER C 39 -4.08 6.82 4.98
CA SER C 39 -4.21 5.39 5.28
C SER C 39 -3.77 4.47 4.15
N GLU C 40 -4.23 4.74 2.94
CA GLU C 40 -3.87 3.89 1.79
C GLU C 40 -2.37 3.79 1.61
N LEU C 41 -1.65 4.87 1.92
CA LEU C 41 -0.21 4.88 1.78
C LEU C 41 0.52 4.37 3.03
N GLY C 42 -0.24 3.90 4.02
CA GLY C 42 0.36 3.39 5.24
C GLY C 42 1.01 4.37 6.21
N PHE C 43 0.72 5.66 6.09
CA PHE C 43 1.31 6.64 6.98
C PHE C 43 0.65 6.64 8.38
N HIS C 44 1.45 6.85 9.41
CA HIS C 44 0.93 6.87 10.78
C HIS C 44 0.63 8.31 11.21
N TYR C 45 -0.59 8.53 11.66
CA TYR C 45 -0.99 9.87 12.01
C TYR C 45 -2.10 9.94 13.05
N ASN C 46 -2.24 11.10 13.66
CA ASN C 46 -3.29 11.33 14.62
C ASN C 46 -4.11 12.45 14.04
N THR C 47 -5.39 12.48 14.36
CA THR C 47 -6.30 13.49 13.86
C THR C 47 -6.77 14.36 15.03
N ILE C 48 -6.77 15.67 14.82
CA ILE C 48 -7.29 16.56 15.83
C ILE C 48 -8.50 17.23 15.18
N PHE C 49 -9.68 16.99 15.75
CA PHE C 49 -10.88 17.59 15.21
C PHE C 49 -11.08 18.97 15.80
N LEU C 50 -11.28 19.95 14.95
CA LEU C 50 -11.49 21.31 15.42
C LEU C 50 -12.98 21.58 15.54
N ASP C 51 -13.34 22.32 16.58
CA ASP C 51 -14.72 22.68 16.81
C ASP C 51 -14.93 24.08 16.24
N PHE C 52 -15.61 24.15 15.10
CA PHE C 52 -15.88 25.41 14.43
C PHE C 52 -16.63 26.39 15.34
N ASN C 53 -17.72 25.91 15.96
CA ASN C 53 -18.52 26.74 16.85
C ASN C 53 -17.71 27.36 17.98
N LEU C 54 -16.64 26.68 18.40
CA LEU C 54 -15.78 27.19 19.45
C LEU C 54 -14.66 28.05 18.85
N GLY C 55 -14.75 28.28 17.55
CA GLY C 55 -13.75 29.06 16.85
C GLY C 55 -12.34 28.55 17.01
N GLU C 56 -12.21 27.23 17.15
CA GLU C 56 -10.91 26.60 17.32
C GLU C 56 -10.02 26.79 16.10
N HIS C 57 -10.64 26.96 14.94
CA HIS C 57 -9.89 27.14 13.71
C HIS C 57 -9.28 28.54 13.60
N ARG C 58 -9.40 29.32 14.67
CA ARG C 58 -8.85 30.66 14.68
C ARG C 58 -7.83 30.83 15.80
N ALA C 59 -7.58 29.76 16.53
CA ALA C 59 -6.60 29.81 17.59
C ALA C 59 -5.35 30.34 16.90
N PRO C 60 -4.58 31.19 17.58
CA PRO C 60 -3.37 31.72 16.94
C PRO C 60 -2.48 30.59 16.43
N GLU C 61 -2.32 29.55 17.25
CA GLU C 61 -1.48 28.42 16.89
C GLU C 61 -1.87 27.77 15.56
N PHE C 62 -3.18 27.65 15.31
CA PHE C 62 -3.65 27.02 14.09
C PHE C 62 -3.41 27.77 12.80
N VAL C 63 -3.81 29.04 12.74
CA VAL C 63 -3.62 29.83 11.52
C VAL C 63 -2.15 29.89 11.11
N SER C 64 -1.26 29.51 12.04
CA SER C 64 0.17 29.48 11.75
C SER C 64 0.43 28.24 10.90
N VAL C 65 -0.47 27.26 11.03
CA VAL C 65 -0.41 26.01 10.28
C VAL C 65 -1.07 26.24 8.92
N ASN C 66 -2.28 26.80 8.94
CA ASN C 66 -3.01 27.12 7.72
C ASN C 66 -3.46 28.57 7.84
N PRO C 67 -2.90 29.46 7.02
CA PRO C 67 -3.26 30.88 7.07
C PRO C 67 -4.71 31.15 6.68
N ASN C 68 -5.31 30.22 5.93
CA ASN C 68 -6.70 30.35 5.50
C ASN C 68 -7.66 29.95 6.62
N ALA C 69 -7.11 29.44 7.73
CA ALA C 69 -7.92 29.06 8.89
C ALA C 69 -9.06 28.06 8.59
N ARG C 70 -8.75 27.01 7.83
CA ARG C 70 -9.77 26.04 7.47
C ARG C 70 -9.17 24.65 7.54
N VAL C 71 -10.01 23.61 7.50
CA VAL C 71 -9.50 22.25 7.51
C VAL C 71 -9.78 21.61 6.15
N PRO C 72 -8.99 20.60 5.75
CA PRO C 72 -7.86 19.98 6.44
C PRO C 72 -6.51 20.71 6.41
N ALA C 73 -5.65 20.33 7.35
CA ALA C 73 -4.29 20.86 7.47
C ALA C 73 -3.45 19.69 7.97
N LEU C 74 -2.24 19.54 7.43
CA LEU C 74 -1.37 18.43 7.84
C LEU C 74 -0.01 18.89 8.28
N ILE C 75 0.51 18.25 9.33
CA ILE C 75 1.84 18.60 9.79
C ILE C 75 2.75 17.39 9.56
N ASP C 76 3.74 17.56 8.69
CA ASP C 76 4.68 16.48 8.44
C ASP C 76 5.78 16.67 9.47
N HIS C 77 5.59 16.06 10.64
CA HIS C 77 6.54 16.18 11.73
C HIS C 77 7.95 15.77 11.30
N GLY C 78 8.05 14.65 10.57
CA GLY C 78 9.33 14.17 10.12
C GLY C 78 10.11 15.19 9.29
N MET C 79 9.39 16.08 8.60
CA MET C 79 10.06 17.09 7.79
C MET C 79 10.11 18.42 8.53
N ASP C 80 10.62 18.37 9.76
CA ASP C 80 10.75 19.54 10.62
C ASP C 80 9.45 20.32 10.76
N ASN C 81 8.38 19.59 11.06
CA ASN C 81 7.07 20.19 11.24
C ASN C 81 6.59 21.02 10.07
N LEU C 82 6.83 20.52 8.87
CA LEU C 82 6.39 21.20 7.68
C LEU C 82 4.86 21.22 7.77
N SER C 83 4.28 22.39 7.55
CA SER C 83 2.84 22.54 7.60
C SER C 83 2.29 22.65 6.18
N ILE C 84 1.28 21.84 5.87
CA ILE C 84 0.67 21.83 4.54
C ILE C 84 -0.85 21.99 4.58
N TRP C 85 -1.35 23.09 4.02
CA TRP C 85 -2.79 23.33 3.99
C TRP C 85 -3.32 23.14 2.57
N GLU C 86 -4.64 23.03 2.45
CA GLU C 86 -5.32 22.76 1.18
C GLU C 86 -5.24 21.26 0.91
N SER C 87 -6.39 20.61 0.88
CA SER C 87 -6.44 19.17 0.66
C SER C 87 -5.74 18.71 -0.63
N GLY C 88 -5.74 19.57 -1.65
CA GLY C 88 -5.10 19.23 -2.91
C GLY C 88 -3.60 19.21 -2.74
N ALA C 89 -3.09 20.20 -2.02
CA ALA C 89 -1.65 20.31 -1.80
C ALA C 89 -1.21 19.16 -0.88
N ILE C 90 -2.03 18.85 0.12
CA ILE C 90 -1.69 17.76 1.02
C ILE C 90 -1.59 16.43 0.27
N LEU C 91 -2.55 16.18 -0.61
CA LEU C 91 -2.50 14.94 -1.38
C LEU C 91 -1.24 14.84 -2.21
N LEU C 92 -0.92 15.89 -2.98
CA LEU C 92 0.26 15.85 -3.81
C LEU C 92 1.53 15.66 -2.98
N HIS C 93 1.60 16.32 -1.83
CA HIS C 93 2.77 16.17 -0.95
C HIS C 93 2.93 14.72 -0.51
N LEU C 94 1.82 14.06 -0.21
CA LEU C 94 1.86 12.67 0.25
C LEU C 94 2.29 11.65 -0.81
N VAL C 95 1.65 11.66 -1.98
CA VAL C 95 2.04 10.71 -3.01
C VAL C 95 3.47 10.96 -3.46
N ASN C 96 3.89 12.21 -3.43
CA ASN C 96 5.26 12.56 -3.81
C ASN C 96 6.22 11.87 -2.85
N LYS C 97 6.06 12.16 -1.57
CA LYS C 97 6.91 11.58 -0.55
C LYS C 97 6.92 10.06 -0.65
N TYR C 98 5.75 9.44 -0.70
CA TYR C 98 5.67 7.98 -0.79
C TYR C 98 6.48 7.46 -1.97
N TYR C 99 6.42 8.17 -3.08
CA TYR C 99 7.15 7.76 -4.28
C TYR C 99 8.67 7.90 -4.13
N LYS C 100 9.13 8.98 -3.52
CA LYS C 100 10.56 9.16 -3.36
C LYS C 100 11.15 8.25 -2.31
N GLU C 101 10.29 7.70 -1.47
CA GLU C 101 10.73 6.80 -0.41
C GLU C 101 10.76 5.34 -0.86
N THR C 102 9.69 4.90 -1.49
CA THR C 102 9.58 3.51 -1.92
C THR C 102 9.95 3.23 -3.35
N GLY C 103 9.90 4.26 -4.19
CA GLY C 103 10.20 4.07 -5.60
C GLY C 103 8.94 3.59 -6.30
N ASN C 104 7.87 3.43 -5.54
CA ASN C 104 6.59 2.98 -6.07
C ASN C 104 5.57 4.11 -6.09
N PRO C 105 5.00 4.41 -7.27
CA PRO C 105 4.00 5.47 -7.42
C PRO C 105 2.58 5.05 -7.04
N LEU C 106 2.39 4.67 -5.77
CA LEU C 106 1.10 4.24 -5.26
C LEU C 106 0.05 5.38 -5.31
N LEU C 107 -1.08 5.16 -5.97
CA LEU C 107 -2.13 6.18 -6.08
C LEU C 107 -1.67 7.39 -6.91
N TRP C 108 -0.50 7.25 -7.51
CA TRP C 108 0.13 8.33 -8.27
C TRP C 108 0.57 7.72 -9.60
N SER C 109 1.64 8.24 -10.17
CA SER C 109 2.16 7.72 -11.43
C SER C 109 3.60 8.18 -11.57
N ASP C 110 4.39 7.41 -12.29
CA ASP C 110 5.79 7.79 -12.51
C ASP C 110 5.92 8.43 -13.88
N ASP C 111 4.82 8.42 -14.65
CA ASP C 111 4.79 9.00 -15.98
C ASP C 111 4.21 10.41 -15.93
N LEU C 112 4.99 11.38 -16.39
CA LEU C 112 4.57 12.78 -16.38
C LEU C 112 3.23 13.05 -17.06
N ALA C 113 2.91 12.28 -18.10
CA ALA C 113 1.66 12.47 -18.81
C ALA C 113 0.47 12.09 -17.92
N ASP C 114 0.50 10.90 -17.34
CA ASP C 114 -0.60 10.49 -16.48
C ASP C 114 -0.75 11.43 -15.28
N GLN C 115 0.37 11.89 -14.74
CA GLN C 115 0.35 12.82 -13.61
C GLN C 115 -0.50 14.07 -13.92
N SER C 116 -0.34 14.62 -15.11
CA SER C 116 -1.09 15.81 -15.48
C SER C 116 -2.57 15.49 -15.48
N GLN C 117 -2.90 14.26 -15.87
CA GLN C 117 -4.31 13.84 -15.91
C GLN C 117 -4.84 13.74 -14.48
N ILE C 118 -4.06 13.13 -13.59
CA ILE C 118 -4.47 12.98 -12.19
C ILE C 118 -4.70 14.38 -11.63
N ASN C 119 -3.71 15.26 -11.79
CA ASN C 119 -3.84 16.63 -11.31
C ASN C 119 -5.08 17.31 -11.86
N ALA C 120 -5.40 17.05 -13.13
CA ALA C 120 -6.57 17.65 -13.76
C ALA C 120 -7.86 17.24 -13.07
N TRP C 121 -8.02 15.94 -12.80
CA TRP C 121 -9.23 15.50 -12.12
C TRP C 121 -9.21 15.99 -10.68
N LEU C 122 -8.02 16.12 -10.10
CA LEU C 122 -7.89 16.58 -8.73
C LEU C 122 -8.32 18.04 -8.62
N PHE C 123 -7.76 18.90 -9.46
CA PHE C 123 -8.14 20.31 -9.43
C PHE C 123 -9.62 20.45 -9.76
N PHE C 124 -10.09 19.62 -10.68
CA PHE C 124 -11.49 19.64 -11.07
C PHE C 124 -12.37 19.33 -9.85
N GLN C 125 -11.88 18.47 -8.95
CA GLN C 125 -12.64 18.12 -7.75
C GLN C 125 -12.58 19.21 -6.69
N THR C 126 -11.40 19.77 -6.48
CA THR C 126 -11.27 20.81 -5.46
C THR C 126 -11.81 22.17 -5.87
N SER C 127 -11.80 22.46 -7.17
CA SER C 127 -12.31 23.75 -7.58
C SER C 127 -13.64 23.77 -8.31
N GLY C 128 -14.10 22.62 -8.79
CA GLY C 128 -15.37 22.59 -9.49
C GLY C 128 -16.43 21.69 -8.89
N HIS C 129 -16.02 20.86 -7.94
CA HIS C 129 -16.95 19.93 -7.31
C HIS C 129 -17.28 20.40 -5.89
N ALA C 130 -16.30 20.34 -4.99
CA ALA C 130 -16.47 20.73 -3.59
C ALA C 130 -17.04 22.12 -3.34
N PRO C 131 -16.52 23.14 -4.04
CA PRO C 131 -17.08 24.48 -3.78
C PRO C 131 -18.57 24.56 -4.12
N MET C 132 -18.97 23.89 -5.20
CA MET C 132 -20.37 23.91 -5.63
C MET C 132 -21.25 23.12 -4.70
N ILE C 133 -20.76 21.98 -4.23
CA ILE C 133 -21.54 21.18 -3.30
C ILE C 133 -21.65 22.07 -2.06
N GLY C 134 -20.53 22.71 -1.71
CA GLY C 134 -20.50 23.60 -0.57
C GLY C 134 -21.49 24.75 -0.64
N GLN C 135 -21.68 25.34 -1.82
CA GLN C 135 -22.64 26.45 -1.94
C GLN C 135 -24.08 25.92 -1.92
N ALA C 136 -24.27 24.74 -2.50
CA ALA C 136 -25.58 24.12 -2.53
C ALA C 136 -26.06 23.93 -1.10
N LEU C 137 -25.24 23.31 -0.27
CA LEU C 137 -25.57 23.08 1.13
C LEU C 137 -25.85 24.37 1.85
N HIS C 138 -25.01 25.37 1.61
CA HIS C 138 -25.21 26.63 2.29
C HIS C 138 -26.59 27.22 2.03
N PHE C 139 -26.94 27.41 0.76
CA PHE C 139 -28.22 28.00 0.44
C PHE C 139 -29.39 27.11 0.78
N ARG C 140 -29.15 25.82 0.93
CA ARG C 140 -30.25 24.95 1.26
C ARG C 140 -30.57 24.96 2.76
N TYR C 141 -29.55 25.02 3.60
CA TYR C 141 -29.77 24.99 5.03
C TYR C 141 -29.20 26.11 5.90
N PHE C 142 -28.23 26.86 5.40
CA PHE C 142 -27.61 27.86 6.26
C PHE C 142 -27.65 29.33 5.93
N HIS C 143 -28.36 29.73 4.89
CA HIS C 143 -28.41 31.14 4.55
C HIS C 143 -29.42 31.90 5.38
N SER C 144 -29.20 33.21 5.48
CA SER C 144 -30.07 34.10 6.25
C SER C 144 -31.49 34.09 5.75
N GLN C 145 -31.68 33.79 4.47
CA GLN C 145 -33.02 33.74 3.90
C GLN C 145 -33.07 32.67 2.85
N LYS C 146 -34.27 32.16 2.58
CA LYS C 146 -34.45 31.12 1.58
C LYS C 146 -34.40 31.68 0.16
N ILE C 147 -33.47 31.17 -0.65
CA ILE C 147 -33.31 31.57 -2.04
C ILE C 147 -33.28 30.33 -2.91
N ALA C 148 -34.46 29.91 -3.36
CA ALA C 148 -34.62 28.73 -4.21
C ALA C 148 -33.82 28.76 -5.51
N SER C 149 -33.64 29.94 -6.10
CA SER C 149 -32.90 30.04 -7.34
C SER C 149 -31.42 29.75 -7.11
N ALA C 150 -30.90 30.15 -5.95
CA ALA C 150 -29.49 29.92 -5.64
C ALA C 150 -29.26 28.41 -5.51
N VAL C 151 -30.11 27.75 -4.75
CA VAL C 151 -30.03 26.31 -4.55
C VAL C 151 -29.98 25.62 -5.91
N GLU C 152 -31.00 25.88 -6.72
CA GLU C 152 -31.06 25.27 -8.04
C GLU C 152 -29.78 25.52 -8.83
N ARG C 153 -29.29 26.76 -8.79
CA ARG C 153 -28.06 27.11 -9.49
C ARG C 153 -26.94 26.12 -9.20
N TYR C 154 -26.62 25.96 -7.92
CA TYR C 154 -25.54 25.08 -7.52
C TYR C 154 -25.88 23.60 -7.59
N THR C 155 -27.12 23.23 -7.29
CA THR C 155 -27.49 21.83 -7.35
C THR C 155 -27.39 21.34 -8.80
N ASP C 156 -27.56 22.27 -9.74
CA ASP C 156 -27.47 21.95 -11.17
C ASP C 156 -26.04 21.68 -11.55
N GLU C 157 -25.15 22.56 -11.08
CA GLU C 157 -23.73 22.45 -11.39
C GLU C 157 -23.14 21.17 -10.83
N VAL C 158 -23.52 20.80 -9.61
CA VAL C 158 -23.01 19.58 -9.01
C VAL C 158 -23.45 18.39 -9.87
N ARG C 159 -24.68 18.40 -10.36
CA ARG C 159 -25.16 17.32 -11.24
C ARG C 159 -24.37 17.37 -12.56
N ARG C 160 -24.11 18.58 -13.04
CA ARG C 160 -23.38 18.78 -14.28
C ARG C 160 -21.99 18.16 -14.15
N VAL C 161 -21.29 18.50 -13.07
CA VAL C 161 -19.95 17.96 -12.86
C VAL C 161 -19.99 16.45 -12.76
N TYR C 162 -20.99 15.91 -12.07
CA TYR C 162 -21.06 14.47 -11.95
C TYR C 162 -21.27 13.85 -13.33
N GLY C 163 -22.01 14.55 -14.19
CA GLY C 163 -22.23 14.05 -15.53
C GLY C 163 -20.90 13.92 -16.24
N VAL C 164 -19.99 14.86 -15.96
CA VAL C 164 -18.67 14.83 -16.58
C VAL C 164 -17.93 13.59 -16.10
N VAL C 165 -18.04 13.31 -14.82
CA VAL C 165 -17.39 12.15 -14.25
C VAL C 165 -18.01 10.87 -14.83
N GLU C 166 -19.33 10.74 -14.68
CA GLU C 166 -20.07 9.59 -15.19
C GLU C 166 -19.65 9.27 -16.61
N MET C 167 -19.72 10.27 -17.48
CA MET C 167 -19.35 10.11 -18.88
C MET C 167 -17.94 9.51 -19.03
N ALA C 168 -16.97 10.09 -18.33
CA ALA C 168 -15.59 9.61 -18.40
C ALA C 168 -15.48 8.14 -17.96
N LEU C 169 -16.16 7.79 -16.87
CA LEU C 169 -16.12 6.43 -16.38
C LEU C 169 -16.79 5.47 -17.38
N ALA C 170 -17.87 5.92 -18.00
CA ALA C 170 -18.59 5.08 -18.96
C ALA C 170 -17.71 4.64 -20.13
N GLU C 171 -16.77 5.50 -20.53
CA GLU C 171 -15.89 5.19 -21.63
C GLU C 171 -14.75 4.28 -21.20
N ARG C 172 -14.32 4.43 -19.95
CA ARG C 172 -13.25 3.60 -19.43
C ARG C 172 -13.81 2.17 -19.40
N ARG C 173 -15.03 2.03 -18.88
CA ARG C 173 -15.68 0.73 -18.83
C ARG C 173 -15.94 0.26 -20.25
N GLU C 174 -16.11 1.23 -21.14
CA GLU C 174 -16.37 0.98 -22.55
C GLU C 174 -15.12 0.35 -23.20
N ALA C 175 -13.96 0.74 -22.70
CA ALA C 175 -12.70 0.20 -23.22
C ALA C 175 -12.43 -1.14 -22.57
N LEU C 176 -12.65 -1.21 -21.26
CA LEU C 176 -12.45 -2.45 -20.52
C LEU C 176 -13.25 -3.55 -21.20
N VAL C 177 -14.43 -3.19 -21.68
CA VAL C 177 -15.29 -4.14 -22.36
C VAL C 177 -14.67 -4.60 -23.67
N MET C 178 -14.25 -3.65 -24.50
CA MET C 178 -13.65 -3.98 -25.79
C MET C 178 -12.43 -4.89 -25.62
N GLU C 179 -11.86 -4.88 -24.41
CA GLU C 179 -10.68 -5.69 -24.12
C GLU C 179 -11.04 -6.96 -23.34
N LEU C 180 -12.33 -7.29 -23.28
CA LEU C 180 -12.80 -8.47 -22.58
C LEU C 180 -14.24 -8.82 -22.97
N GLN C 197 -24.84 -5.27 -18.34
CA GLN C 197 -25.15 -6.29 -19.33
C GLN C 197 -24.17 -7.45 -19.27
N SER C 198 -22.95 -7.21 -19.75
CA SER C 198 -21.91 -8.23 -19.76
C SER C 198 -21.51 -8.59 -18.32
N ARG C 199 -20.59 -9.55 -18.18
CA ARG C 199 -20.14 -10.00 -16.87
C ARG C 199 -19.16 -9.09 -16.16
N PHE C 200 -18.12 -8.64 -16.85
CA PHE C 200 -17.13 -7.76 -16.24
C PHE C 200 -17.72 -6.37 -15.97
N PHE C 201 -18.99 -6.20 -16.31
CA PHE C 201 -19.69 -4.94 -16.12
C PHE C 201 -19.52 -4.32 -14.74
N ASP C 202 -19.19 -5.14 -13.75
CA ASP C 202 -19.00 -4.64 -12.39
C ASP C 202 -17.55 -4.66 -11.96
N TYR C 203 -16.64 -4.59 -12.94
CA TYR C 203 -15.23 -4.58 -12.63
C TYR C 203 -14.70 -3.18 -12.40
N PRO C 204 -13.65 -3.05 -11.59
CA PRO C 204 -13.03 -1.77 -11.27
C PRO C 204 -12.60 -0.95 -12.48
N VAL C 205 -13.19 0.23 -12.62
CA VAL C 205 -12.85 1.15 -13.70
C VAL C 205 -12.31 2.42 -13.04
N TRP C 206 -11.17 2.88 -13.50
CA TRP C 206 -10.56 4.05 -12.89
C TRP C 206 -10.39 5.23 -13.83
N LEU C 207 -10.33 6.42 -13.25
CA LEU C 207 -10.21 7.65 -14.02
C LEU C 207 -8.95 7.79 -14.86
N VAL C 208 -7.80 7.45 -14.27
CA VAL C 208 -6.53 7.57 -14.98
C VAL C 208 -5.61 6.36 -14.86
N GLY C 209 -5.18 5.83 -16.01
CA GLY C 209 -4.27 4.70 -16.03
C GLY C 209 -4.75 3.38 -15.48
N ASP C 210 -6.04 3.07 -15.65
CA ASP C 210 -6.60 1.81 -15.17
C ASP C 210 -6.03 1.42 -13.81
N LYS C 211 -5.81 2.42 -12.97
CA LYS C 211 -5.28 2.17 -11.64
C LYS C 211 -5.83 3.21 -10.68
N LEU C 212 -6.06 2.80 -9.45
CA LEU C 212 -6.57 3.70 -8.45
C LEU C 212 -5.54 4.80 -8.14
N THR C 213 -5.92 6.06 -8.25
CA THR C 213 -5.02 7.15 -7.93
C THR C 213 -5.77 8.12 -7.03
N ILE C 214 -5.08 9.15 -6.55
CA ILE C 214 -5.72 10.12 -5.71
C ILE C 214 -6.83 10.83 -6.48
N ALA C 215 -6.78 10.74 -7.81
CA ALA C 215 -7.80 11.35 -8.64
C ALA C 215 -9.17 10.75 -8.34
N ASP C 216 -9.22 9.44 -8.16
CA ASP C 216 -10.47 8.72 -7.85
C ASP C 216 -10.90 8.94 -6.40
N LEU C 217 -9.95 8.76 -5.49
CA LEU C 217 -10.23 8.90 -4.06
C LEU C 217 -10.70 10.28 -3.65
N ALA C 218 -10.27 11.30 -4.39
CA ALA C 218 -10.65 12.68 -4.08
C ALA C 218 -12.15 12.88 -4.07
N PHE C 219 -12.86 12.08 -4.85
CA PHE C 219 -14.31 12.18 -4.95
C PHE C 219 -15.14 11.40 -3.92
N VAL C 220 -14.60 10.29 -3.42
CA VAL C 220 -15.34 9.44 -2.49
C VAL C 220 -16.09 10.11 -1.33
N PRO C 221 -15.40 10.94 -0.53
CA PRO C 221 -16.05 11.60 0.60
C PRO C 221 -17.27 12.44 0.18
N TRP C 222 -17.08 13.21 -0.88
CA TRP C 222 -18.14 14.05 -1.40
C TRP C 222 -19.27 13.23 -1.98
N ASN C 223 -18.93 12.09 -2.57
CA ASN C 223 -19.97 11.22 -3.12
C ASN C 223 -20.91 10.79 -1.99
N ASN C 224 -20.37 10.61 -0.79
CA ASN C 224 -21.18 10.19 0.36
C ASN C 224 -22.06 11.27 0.96
N VAL C 225 -21.97 12.51 0.48
CA VAL C 225 -22.81 13.54 1.05
C VAL C 225 -23.76 14.25 0.10
N VAL C 226 -23.65 14.02 -1.20
CA VAL C 226 -24.55 14.73 -2.11
C VAL C 226 -26.04 14.41 -1.88
N ASP C 227 -26.32 13.37 -1.12
CA ASP C 227 -27.70 13.00 -0.83
C ASP C 227 -28.33 14.13 0.00
N ARG C 228 -27.49 14.93 0.66
CA ARG C 228 -27.97 16.03 1.47
C ARG C 228 -28.48 17.19 0.62
N ILE C 229 -28.16 17.18 -0.67
CA ILE C 229 -28.66 18.22 -1.54
C ILE C 229 -29.56 17.56 -2.59
N GLY C 230 -30.08 16.38 -2.22
CA GLY C 230 -30.99 15.63 -3.06
C GLY C 230 -30.50 14.94 -4.32
N ILE C 231 -29.22 14.57 -4.35
CA ILE C 231 -28.70 13.87 -5.52
C ILE C 231 -28.55 12.40 -5.16
N ASN C 232 -29.12 11.54 -5.99
CA ASN C 232 -29.07 10.09 -5.75
C ASN C 232 -28.13 9.45 -6.77
N ILE C 233 -26.90 9.23 -6.35
CA ILE C 233 -25.89 8.66 -7.22
C ILE C 233 -26.30 7.32 -7.82
N LYS C 234 -26.70 6.37 -6.96
CA LYS C 234 -27.10 5.05 -7.42
C LYS C 234 -28.03 5.07 -8.63
N ILE C 235 -28.93 6.04 -8.67
CA ILE C 235 -29.89 6.14 -9.74
C ILE C 235 -29.55 7.13 -10.85
N GLU C 236 -28.90 8.23 -10.50
CA GLU C 236 -28.53 9.25 -11.50
C GLU C 236 -27.22 8.95 -12.21
N PHE C 237 -26.25 8.37 -11.49
CA PHE C 237 -24.96 8.08 -12.10
C PHE C 237 -24.47 6.67 -11.76
N PRO C 238 -25.04 5.65 -12.41
CA PRO C 238 -24.72 4.24 -12.23
C PRO C 238 -23.23 3.95 -12.18
N GLU C 239 -22.46 4.52 -13.11
CA GLU C 239 -21.04 4.28 -13.12
C GLU C 239 -20.37 4.89 -11.88
N VAL C 240 -20.80 6.10 -11.52
CA VAL C 240 -20.26 6.74 -10.33
C VAL C 240 -20.56 5.87 -9.11
N TYR C 241 -21.73 5.25 -9.12
CA TYR C 241 -22.14 4.40 -8.01
C TYR C 241 -21.19 3.22 -7.83
N LYS C 242 -20.90 2.50 -8.92
CA LYS C 242 -20.01 1.35 -8.87
C LYS C 242 -18.59 1.74 -8.46
N TRP C 243 -18.15 2.86 -9.00
CA TRP C 243 -16.82 3.44 -8.76
C TRP C 243 -16.67 3.82 -7.29
N THR C 244 -17.61 4.58 -6.76
CA THR C 244 -17.57 5.00 -5.36
C THR C 244 -17.68 3.77 -4.45
N LYS C 245 -18.36 2.73 -4.94
CA LYS C 245 -18.50 1.51 -4.15
C LYS C 245 -17.21 0.71 -4.04
N HIS C 246 -16.49 0.56 -5.15
CA HIS C 246 -15.24 -0.19 -5.11
C HIS C 246 -14.28 0.45 -4.12
N MET C 247 -14.26 1.77 -4.08
CA MET C 247 -13.40 2.48 -3.17
C MET C 247 -13.88 2.33 -1.74
N MET C 248 -15.19 2.33 -1.56
CA MET C 248 -15.78 2.19 -0.23
C MET C 248 -15.50 0.82 0.40
N ARG C 249 -15.35 -0.22 -0.40
CA ARG C 249 -15.08 -1.55 0.14
C ARG C 249 -13.63 -1.66 0.57
N ARG C 250 -12.83 -0.68 0.20
CA ARG C 250 -11.42 -0.70 0.54
C ARG C 250 -11.11 -0.59 2.02
N PRO C 251 -10.35 -1.57 2.54
CA PRO C 251 -9.98 -1.61 3.95
C PRO C 251 -9.46 -0.27 4.46
N ALA C 252 -8.44 0.26 3.78
CA ALA C 252 -7.85 1.55 4.18
C ALA C 252 -8.89 2.65 4.20
N VAL C 253 -9.78 2.63 3.22
CA VAL C 253 -10.84 3.63 3.12
C VAL C 253 -11.77 3.49 4.31
N ILE C 254 -12.23 2.26 4.55
CA ILE C 254 -13.12 2.00 5.67
C ILE C 254 -12.48 2.47 6.98
N LYS C 255 -11.18 2.22 7.12
CA LYS C 255 -10.44 2.62 8.32
C LYS C 255 -10.55 4.13 8.55
N ALA C 256 -10.28 4.90 7.49
CA ALA C 256 -10.34 6.35 7.55
C ALA C 256 -11.74 6.87 7.95
N LEU C 257 -12.76 6.47 7.19
CA LEU C 257 -14.12 6.91 7.48
C LEU C 257 -14.55 6.55 8.91
N ARG C 258 -13.88 5.56 9.49
CA ARG C 258 -14.17 5.10 10.85
C ARG C 258 -13.54 6.03 11.88
N GLY C 259 -12.77 7.00 11.41
CA GLY C 259 -12.11 7.94 12.31
C GLY C 259 -10.85 7.33 12.90
N GLU C 260 -10.32 6.30 12.23
CA GLU C 260 -9.10 5.63 12.68
C GLU C 260 -7.96 5.87 11.69
N SER D 6 -16.73 24.16 -36.47
CA SER D 6 -16.15 23.87 -37.81
C SER D 6 -14.64 24.06 -37.80
N ARG D 7 -14.21 25.30 -37.57
CA ARG D 7 -12.79 25.65 -37.53
C ARG D 7 -12.04 24.84 -36.47
N ILE D 8 -12.76 24.44 -35.43
CA ILE D 8 -12.17 23.67 -34.36
C ILE D 8 -11.69 22.33 -34.89
N THR D 9 -12.50 21.69 -35.73
CA THR D 9 -12.14 20.42 -36.31
C THR D 9 -10.98 20.60 -37.29
N LYS D 10 -11.04 21.65 -38.09
CA LYS D 10 -9.99 21.94 -39.05
C LYS D 10 -8.65 22.04 -38.33
N PHE D 11 -8.73 22.25 -37.02
CA PHE D 11 -7.54 22.35 -36.19
C PHE D 11 -7.04 20.95 -35.83
N PHE D 12 -7.94 20.13 -35.28
CA PHE D 12 -7.58 18.78 -34.87
C PHE D 12 -7.21 17.84 -36.02
N GLN D 13 -7.63 18.19 -37.23
CA GLN D 13 -7.31 17.36 -38.39
C GLN D 13 -5.91 17.72 -38.91
N GLU D 14 -5.26 18.64 -38.20
CA GLU D 14 -3.92 19.06 -38.58
C GLU D 14 -3.27 19.85 -37.43
N GLN D 15 -2.78 19.14 -36.43
CA GLN D 15 -2.16 19.79 -35.29
C GLN D 15 -0.66 19.94 -35.45
N PRO D 16 -0.08 21.00 -34.87
CA PRO D 16 1.37 21.21 -34.98
C PRO D 16 2.10 20.00 -34.36
N LEU D 17 3.38 19.84 -34.71
CA LEU D 17 4.14 18.71 -34.18
C LEU D 17 4.85 19.12 -32.89
N GLU D 18 5.02 20.43 -32.70
CA GLU D 18 5.67 20.95 -31.51
C GLU D 18 4.96 22.22 -31.03
N GLY D 19 5.34 22.68 -29.84
CA GLY D 19 4.72 23.87 -29.29
C GLY D 19 3.43 23.57 -28.55
N TYR D 20 2.71 24.62 -28.18
CA TYR D 20 1.47 24.42 -27.46
C TYR D 20 0.34 25.24 -28.03
N THR D 21 -0.87 24.69 -27.96
CA THR D 21 -2.06 25.37 -28.41
C THR D 21 -2.90 25.65 -27.17
N LEU D 22 -3.28 26.91 -26.99
CA LEU D 22 -4.04 27.31 -25.83
C LEU D 22 -5.48 27.61 -26.19
N PHE D 23 -6.42 26.91 -25.55
CA PHE D 23 -7.82 27.16 -25.77
C PHE D 23 -8.23 28.06 -24.62
N SER D 24 -8.73 29.25 -24.95
CA SER D 24 -9.10 30.20 -23.92
C SER D 24 -10.28 31.03 -24.38
N HIS D 25 -10.48 32.15 -23.70
CA HIS D 25 -11.54 33.09 -24.03
C HIS D 25 -11.04 34.41 -23.47
N ARG D 26 -11.37 35.51 -24.15
CA ARG D 26 -10.91 36.82 -23.70
C ARG D 26 -11.38 37.25 -22.31
N SER D 27 -12.40 36.57 -21.77
CA SER D 27 -12.88 36.89 -20.44
C SER D 27 -12.12 36.11 -19.39
N ALA D 28 -12.00 34.80 -19.61
CA ALA D 28 -11.33 33.87 -18.71
C ALA D 28 -10.01 34.31 -18.09
N PRO D 29 -10.03 34.75 -16.82
CA PRO D 29 -8.75 35.14 -16.22
C PRO D 29 -7.81 33.93 -16.08
N ASN D 30 -8.38 32.73 -16.01
CA ASN D 30 -7.60 31.50 -15.88
C ASN D 30 -6.87 31.19 -17.17
N GLY D 31 -7.50 31.56 -18.28
CA GLY D 31 -6.88 31.36 -19.58
C GLY D 31 -5.62 32.19 -19.62
N PHE D 32 -5.71 33.44 -19.18
CA PHE D 32 -4.55 34.33 -19.17
C PHE D 32 -3.49 33.92 -18.15
N LYS D 33 -3.90 33.12 -17.16
CA LYS D 33 -2.95 32.67 -16.17
C LYS D 33 -1.98 31.73 -16.91
N VAL D 34 -2.55 30.81 -17.68
CA VAL D 34 -1.74 29.86 -18.42
C VAL D 34 -0.85 30.61 -19.41
N ALA D 35 -1.45 31.53 -20.17
CA ALA D 35 -0.69 32.31 -21.14
C ALA D 35 0.51 32.99 -20.46
N ILE D 36 0.27 33.60 -19.30
CA ILE D 36 1.35 34.25 -18.56
C ILE D 36 2.47 33.26 -18.26
N VAL D 37 2.14 32.22 -17.51
CA VAL D 37 3.13 31.21 -17.17
C VAL D 37 3.85 30.70 -18.43
N LEU D 38 3.08 30.45 -19.47
CA LEU D 38 3.61 29.98 -20.74
C LEU D 38 4.71 30.92 -21.25
N SER D 39 4.39 32.21 -21.37
CA SER D 39 5.35 33.19 -21.86
C SER D 39 6.48 33.48 -20.88
N GLU D 40 6.18 33.40 -19.59
CA GLU D 40 7.20 33.63 -18.59
C GLU D 40 8.23 32.48 -18.69
N LEU D 41 7.76 31.30 -19.10
CA LEU D 41 8.63 30.14 -19.25
C LEU D 41 9.20 30.02 -20.66
N GLY D 42 8.86 30.97 -21.52
CA GLY D 42 9.39 30.96 -22.87
C GLY D 42 8.86 29.88 -23.81
N PHE D 43 7.83 29.16 -23.40
CA PHE D 43 7.27 28.15 -24.27
C PHE D 43 6.55 28.84 -25.41
N HIS D 44 6.72 28.32 -26.63
CA HIS D 44 6.09 28.90 -27.81
C HIS D 44 4.65 28.41 -27.88
N TYR D 45 3.71 29.35 -27.92
CA TYR D 45 2.31 28.96 -27.96
C TYR D 45 1.44 29.88 -28.81
N ASN D 46 0.30 29.35 -29.22
CA ASN D 46 -0.69 30.09 -29.99
C ASN D 46 -2.01 29.89 -29.27
N THR D 47 -2.80 30.95 -29.20
CA THR D 47 -4.08 30.89 -28.52
C THR D 47 -5.27 30.81 -29.48
N ILE D 48 -6.25 30.03 -29.08
CA ILE D 48 -7.47 29.88 -29.85
C ILE D 48 -8.61 30.29 -28.92
N PHE D 49 -9.29 31.39 -29.26
CA PHE D 49 -10.40 31.87 -28.45
C PHE D 49 -11.72 31.26 -28.87
N LEU D 50 -12.37 30.55 -27.95
CA LEU D 50 -13.63 29.90 -28.26
C LEU D 50 -14.83 30.83 -28.21
N ASP D 51 -15.72 30.65 -29.18
CA ASP D 51 -16.93 31.44 -29.29
C ASP D 51 -18.03 30.61 -28.64
N PHE D 52 -18.45 31.03 -27.45
CA PHE D 52 -19.49 30.30 -26.74
C PHE D 52 -20.89 30.54 -27.28
N ASN D 53 -21.07 31.65 -27.99
CA ASN D 53 -22.36 31.96 -28.57
C ASN D 53 -22.64 30.87 -29.59
N LEU D 54 -21.62 30.59 -30.41
CA LEU D 54 -21.72 29.54 -31.42
C LEU D 54 -21.59 28.18 -30.77
N GLY D 55 -21.22 28.19 -29.48
CA GLY D 55 -21.06 26.95 -28.74
C GLY D 55 -19.91 26.08 -29.22
N GLU D 56 -18.76 26.70 -29.47
CA GLU D 56 -17.59 25.95 -29.93
C GLU D 56 -17.05 25.02 -28.85
N HIS D 57 -17.38 25.31 -27.60
CA HIS D 57 -16.94 24.49 -26.48
C HIS D 57 -17.69 23.16 -26.42
N ARG D 58 -18.55 22.94 -27.41
CA ARG D 58 -19.32 21.70 -27.48
C ARG D 58 -18.79 20.81 -28.60
N ALA D 59 -17.88 21.35 -29.41
CA ALA D 59 -17.31 20.58 -30.52
C ALA D 59 -16.85 19.24 -29.95
N PRO D 60 -17.20 18.14 -30.64
CA PRO D 60 -16.79 16.82 -30.15
C PRO D 60 -15.29 16.76 -29.87
N GLU D 61 -14.54 17.44 -30.74
CA GLU D 61 -13.09 17.47 -30.64
C GLU D 61 -12.55 18.13 -29.37
N PHE D 62 -13.18 19.22 -28.96
CA PHE D 62 -12.73 19.94 -27.77
C PHE D 62 -13.12 19.23 -26.47
N VAL D 63 -14.26 18.55 -26.47
CA VAL D 63 -14.72 17.85 -25.29
C VAL D 63 -13.77 16.72 -24.93
N SER D 64 -13.29 16.00 -25.94
CA SER D 64 -12.36 14.90 -25.69
C SER D 64 -11.02 15.46 -25.23
N VAL D 65 -10.92 16.79 -25.26
CA VAL D 65 -9.73 17.50 -24.84
C VAL D 65 -9.93 17.88 -23.38
N ASN D 66 -11.09 18.47 -23.09
CA ASN D 66 -11.44 18.87 -21.74
C ASN D 66 -12.84 18.35 -21.50
N PRO D 67 -12.96 17.20 -20.81
CA PRO D 67 -14.24 16.56 -20.49
C PRO D 67 -15.22 17.58 -19.93
N ASN D 68 -14.69 18.55 -19.20
CA ASN D 68 -15.48 19.61 -18.56
C ASN D 68 -16.02 20.67 -19.52
N ALA D 69 -15.50 20.69 -20.74
CA ALA D 69 -15.95 21.65 -21.75
C ALA D 69 -15.76 23.10 -21.31
N ARG D 70 -14.66 23.36 -20.63
CA ARG D 70 -14.36 24.70 -20.15
C ARG D 70 -12.93 25.04 -20.54
N VAL D 71 -12.59 26.33 -20.50
CA VAL D 71 -11.23 26.73 -20.79
C VAL D 71 -10.68 27.24 -19.47
N PRO D 72 -9.35 27.32 -19.33
CA PRO D 72 -8.35 26.97 -20.34
C PRO D 72 -8.13 25.47 -20.53
N ALA D 73 -7.56 25.14 -21.69
CA ALA D 73 -7.22 23.75 -22.04
C ALA D 73 -5.93 23.87 -22.85
N LEU D 74 -4.93 23.06 -22.51
CA LEU D 74 -3.68 23.13 -23.22
C LEU D 74 -3.38 21.84 -23.95
N ILE D 75 -2.85 21.98 -25.17
CA ILE D 75 -2.48 20.81 -25.97
C ILE D 75 -0.96 20.89 -26.11
N ASP D 76 -0.28 19.94 -25.47
CA ASP D 76 1.18 19.89 -25.54
C ASP D 76 1.55 18.99 -26.73
N HIS D 77 1.66 19.59 -27.91
CA HIS D 77 1.99 18.85 -29.13
C HIS D 77 3.23 17.98 -29.03
N GLY D 78 4.29 18.53 -28.46
CA GLY D 78 5.53 17.79 -28.30
C GLY D 78 5.35 16.44 -27.65
N MET D 79 4.51 16.38 -26.61
CA MET D 79 4.26 15.13 -25.91
C MET D 79 3.11 14.39 -26.59
N ASP D 80 3.17 14.33 -27.92
CA ASP D 80 2.16 13.66 -28.73
C ASP D 80 0.74 14.13 -28.42
N ASN D 81 0.55 15.43 -28.59
CA ASN D 81 -0.73 16.10 -28.38
C ASN D 81 -1.43 15.81 -27.08
N LEU D 82 -0.67 15.85 -25.99
CA LEU D 82 -1.23 15.63 -24.67
C LEU D 82 -2.17 16.78 -24.38
N SER D 83 -3.34 16.46 -23.82
CA SER D 83 -4.30 17.48 -23.49
C SER D 83 -4.34 17.64 -21.97
N ILE D 84 -4.33 18.89 -21.50
CA ILE D 84 -4.35 19.15 -20.08
C ILE D 84 -5.32 20.26 -19.78
N TRP D 85 -6.38 19.94 -19.03
CA TRP D 85 -7.39 20.91 -18.65
C TRP D 85 -7.21 21.29 -17.19
N GLU D 86 -7.96 22.30 -16.75
CA GLU D 86 -7.87 22.84 -15.39
C GLU D 86 -6.57 23.62 -15.35
N SER D 87 -6.69 24.92 -15.11
CA SER D 87 -5.54 25.83 -15.06
C SER D 87 -4.49 25.40 -14.04
N GLY D 88 -4.93 24.87 -12.90
CA GLY D 88 -3.99 24.42 -11.88
C GLY D 88 -3.10 23.30 -12.39
N ALA D 89 -3.69 22.31 -13.05
CA ALA D 89 -2.90 21.21 -13.59
C ALA D 89 -1.97 21.74 -14.68
N ILE D 90 -2.49 22.62 -15.53
CA ILE D 90 -1.69 23.18 -16.60
C ILE D 90 -0.43 23.83 -16.05
N LEU D 91 -0.57 24.61 -14.97
CA LEU D 91 0.58 25.26 -14.37
C LEU D 91 1.62 24.26 -13.86
N LEU D 92 1.16 23.25 -13.14
CA LEU D 92 2.09 22.25 -12.60
C LEU D 92 2.75 21.49 -13.74
N HIS D 93 1.96 21.12 -14.75
CA HIS D 93 2.52 20.41 -15.87
C HIS D 93 3.66 21.21 -16.51
N LEU D 94 3.44 22.51 -16.71
CA LEU D 94 4.44 23.38 -17.31
C LEU D 94 5.70 23.58 -16.47
N VAL D 95 5.56 23.88 -15.17
CA VAL D 95 6.78 24.08 -14.37
C VAL D 95 7.54 22.79 -14.22
N ASN D 96 6.82 21.67 -14.18
CA ASN D 96 7.48 20.38 -14.05
C ASN D 96 8.28 20.08 -15.31
N LYS D 97 7.71 20.37 -16.47
CA LYS D 97 8.38 20.11 -17.73
C LYS D 97 9.57 21.03 -17.95
N TYR D 98 9.40 22.30 -17.58
CA TYR D 98 10.48 23.25 -17.75
C TYR D 98 11.68 22.85 -16.92
N TYR D 99 11.40 22.36 -15.73
CA TYR D 99 12.46 21.93 -14.82
C TYR D 99 13.15 20.67 -15.31
N LYS D 100 12.37 19.77 -15.87
CA LYS D 100 12.90 18.51 -16.41
C LYS D 100 13.78 18.74 -17.63
N GLU D 101 13.48 19.78 -18.40
CA GLU D 101 14.25 20.07 -19.60
C GLU D 101 15.49 20.92 -19.37
N THR D 102 15.40 21.90 -18.49
CA THR D 102 16.53 22.79 -18.26
C THR D 102 17.33 22.54 -16.99
N GLY D 103 16.69 21.98 -15.98
CA GLY D 103 17.38 21.73 -14.72
C GLY D 103 17.25 22.94 -13.81
N ASN D 104 16.51 23.93 -14.26
CA ASN D 104 16.29 25.16 -13.51
C ASN D 104 14.79 25.28 -13.21
N PRO D 105 14.43 25.29 -11.93
CA PRO D 105 13.02 25.38 -11.54
C PRO D 105 12.42 26.78 -11.54
N LEU D 106 12.29 27.35 -12.74
CA LEU D 106 11.70 28.68 -12.90
C LEU D 106 10.24 28.67 -12.46
N LEU D 107 9.87 29.63 -11.62
CA LEU D 107 8.50 29.78 -11.11
C LEU D 107 8.09 28.56 -10.31
N TRP D 108 9.07 27.77 -9.94
CA TRP D 108 8.87 26.51 -9.22
C TRP D 108 9.99 26.41 -8.20
N SER D 109 10.21 25.21 -7.68
CA SER D 109 11.27 24.97 -6.72
C SER D 109 11.67 23.51 -6.83
N ASP D 110 12.93 23.24 -6.50
CA ASP D 110 13.45 21.88 -6.54
C ASP D 110 13.33 21.29 -5.14
N ASP D 111 12.90 22.12 -4.19
CA ASP D 111 12.73 21.71 -2.81
C ASP D 111 11.30 21.20 -2.58
N LEU D 112 11.19 19.97 -2.09
CA LEU D 112 9.89 19.35 -1.84
C LEU D 112 8.98 20.17 -0.94
N ALA D 113 9.55 20.76 0.11
CA ALA D 113 8.79 21.56 1.06
C ALA D 113 8.26 22.85 0.41
N ASP D 114 9.10 23.53 -0.35
CA ASP D 114 8.70 24.76 -1.05
C ASP D 114 7.56 24.41 -2.00
N GLN D 115 7.67 23.25 -2.64
CA GLN D 115 6.65 22.82 -3.58
C GLN D 115 5.31 22.66 -2.89
N SER D 116 5.30 22.03 -1.73
CA SER D 116 4.06 21.84 -1.02
C SER D 116 3.48 23.22 -0.72
N GLN D 117 4.35 24.18 -0.42
CA GLN D 117 3.87 25.53 -0.11
C GLN D 117 3.30 26.20 -1.35
N ILE D 118 3.97 26.01 -2.48
CA ILE D 118 3.50 26.59 -3.72
C ILE D 118 2.17 25.95 -4.15
N ASN D 119 2.04 24.64 -3.91
CA ASN D 119 0.81 23.95 -4.26
C ASN D 119 -0.35 24.45 -3.42
N ALA D 120 -0.06 24.75 -2.17
CA ALA D 120 -1.07 25.22 -1.25
C ALA D 120 -1.67 26.53 -1.79
N TRP D 121 -0.80 27.50 -2.08
CA TRP D 121 -1.27 28.77 -2.61
C TRP D 121 -1.99 28.55 -3.94
N LEU D 122 -1.46 27.66 -4.77
CA LEU D 122 -2.08 27.39 -6.06
C LEU D 122 -3.51 26.84 -5.92
N PHE D 123 -3.71 25.89 -5.00
CA PHE D 123 -5.04 25.32 -4.78
C PHE D 123 -5.95 26.34 -4.15
N PHE D 124 -5.40 27.10 -3.21
CA PHE D 124 -6.17 28.13 -2.51
C PHE D 124 -6.75 29.10 -3.51
N GLN D 125 -5.95 29.45 -4.50
CA GLN D 125 -6.37 30.37 -5.54
C GLN D 125 -7.40 29.74 -6.47
N THR D 126 -7.10 28.54 -6.96
CA THR D 126 -8.03 27.89 -7.87
C THR D 126 -9.35 27.46 -7.24
N SER D 127 -9.33 27.12 -5.95
CA SER D 127 -10.55 26.65 -5.29
C SER D 127 -11.14 27.58 -4.24
N GLY D 128 -10.40 28.59 -3.83
CA GLY D 128 -10.91 29.51 -2.82
C GLY D 128 -11.02 30.95 -3.29
N HIS D 129 -10.31 31.27 -4.37
CA HIS D 129 -10.30 32.63 -4.91
C HIS D 129 -11.23 32.68 -6.14
N ALA D 130 -10.78 32.09 -7.24
CA ALA D 130 -11.56 32.07 -8.50
C ALA D 130 -13.03 31.72 -8.36
N PRO D 131 -13.35 30.64 -7.64
CA PRO D 131 -14.77 30.30 -7.53
C PRO D 131 -15.57 31.41 -6.83
N MET D 132 -15.02 31.91 -5.72
CA MET D 132 -15.70 32.94 -4.95
C MET D 132 -15.84 34.26 -5.73
N ILE D 133 -14.84 34.60 -6.54
CA ILE D 133 -14.93 35.81 -7.33
C ILE D 133 -16.00 35.60 -8.40
N GLY D 134 -16.04 34.40 -8.97
CA GLY D 134 -17.04 34.10 -9.98
C GLY D 134 -18.46 34.17 -9.46
N GLN D 135 -18.67 33.74 -8.22
CA GLN D 135 -20.02 33.77 -7.66
C GLN D 135 -20.41 35.19 -7.35
N ALA D 136 -19.47 35.99 -6.87
CA ALA D 136 -19.75 37.38 -6.57
C ALA D 136 -20.22 38.05 -7.87
N LEU D 137 -19.41 37.94 -8.91
CA LEU D 137 -19.77 38.51 -10.21
C LEU D 137 -21.19 38.14 -10.61
N HIS D 138 -21.51 36.85 -10.45
CA HIS D 138 -22.81 36.33 -10.83
C HIS D 138 -23.99 36.97 -10.14
N PHE D 139 -23.96 36.99 -8.83
CA PHE D 139 -25.08 37.55 -8.09
C PHE D 139 -25.17 39.05 -8.23
N ARG D 140 -24.04 39.69 -8.45
CA ARG D 140 -24.03 41.14 -8.59
C ARG D 140 -24.50 41.61 -9.96
N TYR D 141 -24.30 40.78 -10.99
CA TYR D 141 -24.68 41.17 -12.34
C TYR D 141 -25.55 40.25 -13.18
N PHE D 142 -25.28 38.96 -13.16
CA PHE D 142 -26.01 38.05 -14.03
C PHE D 142 -27.07 37.10 -13.46
N HIS D 143 -27.35 37.16 -12.17
CA HIS D 143 -28.36 36.24 -11.63
C HIS D 143 -29.77 36.71 -12.00
N SER D 144 -30.70 35.78 -12.18
CA SER D 144 -32.06 36.12 -12.55
C SER D 144 -32.77 37.03 -11.53
N GLN D 145 -32.12 37.28 -10.40
CA GLN D 145 -32.73 38.08 -9.35
C GLN D 145 -31.66 38.83 -8.56
N LYS D 146 -31.95 40.06 -8.16
CA LYS D 146 -31.02 40.89 -7.37
C LYS D 146 -31.17 40.57 -5.88
N ILE D 147 -30.16 39.94 -5.29
CA ILE D 147 -30.21 39.56 -3.88
C ILE D 147 -28.96 40.00 -3.12
N ALA D 148 -29.09 41.03 -2.30
CA ALA D 148 -27.97 41.56 -1.53
C ALA D 148 -27.23 40.55 -0.64
N SER D 149 -27.96 39.70 0.08
CA SER D 149 -27.30 38.74 0.96
C SER D 149 -26.39 37.79 0.18
N ALA D 150 -26.81 37.43 -1.03
CA ALA D 150 -26.00 36.54 -1.85
C ALA D 150 -24.74 37.26 -2.32
N VAL D 151 -24.87 38.53 -2.68
CA VAL D 151 -23.71 39.29 -3.14
C VAL D 151 -22.75 39.56 -1.98
N GLU D 152 -23.31 39.87 -0.83
CA GLU D 152 -22.50 40.16 0.35
C GLU D 152 -21.73 38.91 0.78
N ARG D 153 -22.41 37.77 0.82
CA ARG D 153 -21.75 36.52 1.19
C ARG D 153 -20.45 36.34 0.40
N TYR D 154 -20.52 36.52 -0.92
CA TYR D 154 -19.35 36.35 -1.76
C TYR D 154 -18.31 37.47 -1.78
N THR D 155 -18.74 38.74 -1.67
CA THR D 155 -17.75 39.81 -1.65
C THR D 155 -17.03 39.76 -0.30
N ASP D 156 -17.72 39.29 0.74
CA ASP D 156 -17.12 39.18 2.07
C ASP D 156 -16.02 38.10 2.07
N GLU D 157 -16.33 36.98 1.42
CA GLU D 157 -15.40 35.86 1.36
C GLU D 157 -14.18 36.20 0.50
N VAL D 158 -14.40 36.93 -0.59
CA VAL D 158 -13.25 37.29 -1.42
C VAL D 158 -12.39 38.25 -0.63
N ARG D 159 -13.02 39.18 0.09
CA ARG D 159 -12.24 40.10 0.90
C ARG D 159 -11.47 39.29 1.94
N ARG D 160 -12.10 38.26 2.52
CA ARG D 160 -11.43 37.43 3.52
C ARG D 160 -10.23 36.69 2.93
N VAL D 161 -10.40 36.13 1.74
CA VAL D 161 -9.31 35.41 1.09
C VAL D 161 -8.17 36.38 0.78
N TYR D 162 -8.52 37.57 0.30
CA TYR D 162 -7.50 38.58 0.01
C TYR D 162 -6.80 38.96 1.32
N GLY D 163 -7.54 38.89 2.43
CA GLY D 163 -6.93 39.20 3.71
C GLY D 163 -5.80 38.23 4.02
N VAL D 164 -6.01 36.95 3.69
CA VAL D 164 -5.00 35.93 3.95
C VAL D 164 -3.73 36.22 3.15
N VAL D 165 -3.89 36.52 1.87
CA VAL D 165 -2.75 36.82 1.02
C VAL D 165 -2.00 38.04 1.55
N GLU D 166 -2.77 39.07 1.89
CA GLU D 166 -2.23 40.31 2.42
C GLU D 166 -1.38 40.04 3.65
N MET D 167 -1.92 39.25 4.59
CA MET D 167 -1.18 38.95 5.80
C MET D 167 0.13 38.19 5.53
N ALA D 168 0.11 37.31 4.54
CA ALA D 168 1.32 36.56 4.22
C ALA D 168 2.37 37.52 3.65
N LEU D 169 1.97 38.36 2.71
CA LEU D 169 2.90 39.31 2.12
C LEU D 169 3.40 40.28 3.19
N ALA D 170 2.52 40.68 4.10
CA ALA D 170 2.90 41.58 5.17
C ALA D 170 3.97 40.90 6.04
N GLU D 171 3.78 39.60 6.25
CA GLU D 171 4.69 38.79 7.05
C GLU D 171 6.07 38.71 6.40
N ARG D 172 6.10 38.49 5.09
CA ARG D 172 7.37 38.41 4.36
C ARG D 172 8.03 39.77 4.35
N ARG D 173 7.22 40.82 4.30
CA ARG D 173 7.71 42.19 4.30
C ARG D 173 8.41 42.50 5.63
N GLU D 174 7.77 42.14 6.74
CA GLU D 174 8.35 42.39 8.06
C GLU D 174 9.65 41.64 8.25
N ALA D 175 9.69 40.40 7.78
CA ALA D 175 10.86 39.57 7.92
C ALA D 175 11.99 40.11 7.05
N LEU D 176 11.64 40.49 5.83
CA LEU D 176 12.62 41.03 4.91
C LEU D 176 13.22 42.30 5.50
N VAL D 177 12.37 43.18 6.03
CA VAL D 177 12.84 44.43 6.61
C VAL D 177 13.90 44.17 7.67
N MET D 178 13.59 43.28 8.63
CA MET D 178 14.54 42.95 9.68
C MET D 178 15.88 42.51 9.09
N GLU D 179 15.83 41.58 8.15
CA GLU D 179 17.04 41.07 7.52
C GLU D 179 17.67 42.11 6.61
N LEU D 180 17.47 43.39 6.92
CA LEU D 180 18.03 44.47 6.11
C LEU D 180 18.31 45.72 6.96
N ASP D 181 18.75 45.51 8.19
CA ASP D 181 19.05 46.63 9.08
C ASP D 181 19.45 46.14 10.47
N PHE D 200 13.27 50.40 0.99
CA PHE D 200 12.93 48.98 0.90
C PHE D 200 11.48 48.71 1.27
N PHE D 201 10.63 49.70 1.02
CA PHE D 201 9.21 49.56 1.31
C PHE D 201 8.57 48.95 0.06
N ASP D 202 9.13 49.25 -1.09
CA ASP D 202 8.59 48.73 -2.34
C ASP D 202 9.50 47.69 -3.00
N TYR D 203 10.28 47.00 -2.19
CA TYR D 203 11.14 45.94 -2.70
C TYR D 203 10.20 44.73 -2.84
N PRO D 204 10.24 44.04 -4.00
CA PRO D 204 9.37 42.89 -4.26
C PRO D 204 9.46 41.72 -3.27
N VAL D 205 8.32 41.36 -2.71
CA VAL D 205 8.22 40.26 -1.77
C VAL D 205 7.32 39.21 -2.43
N TRP D 206 7.59 37.93 -2.16
CA TRP D 206 6.83 36.86 -2.77
C TRP D 206 6.30 35.86 -1.75
N LEU D 207 5.30 35.07 -2.17
CA LEU D 207 4.67 34.08 -1.30
C LEU D 207 5.57 32.92 -0.86
N VAL D 208 6.41 32.41 -1.75
CA VAL D 208 7.27 31.30 -1.37
C VAL D 208 8.71 31.42 -1.85
N GLY D 209 9.63 31.09 -0.95
CA GLY D 209 11.05 31.11 -1.28
C GLY D 209 11.71 32.39 -1.76
N ASP D 210 11.15 33.55 -1.40
CA ASP D 210 11.74 34.81 -1.81
C ASP D 210 12.04 34.88 -3.32
N LYS D 211 11.12 34.38 -4.13
CA LYS D 211 11.26 34.41 -5.58
C LYS D 211 9.91 34.18 -6.25
N LEU D 212 9.71 34.82 -7.39
CA LEU D 212 8.47 34.66 -8.15
C LEU D 212 8.20 33.20 -8.46
N THR D 213 6.95 32.78 -8.30
CA THR D 213 6.55 31.39 -8.63
C THR D 213 5.13 31.43 -9.18
N ILE D 214 4.67 30.32 -9.74
CA ILE D 214 3.32 30.27 -10.27
C ILE D 214 2.30 30.59 -9.18
N ALA D 215 2.74 30.51 -7.92
CA ALA D 215 1.87 30.80 -6.79
C ALA D 215 1.53 32.29 -6.79
N ASP D 216 2.51 33.11 -7.14
CA ASP D 216 2.26 34.53 -7.18
C ASP D 216 1.51 34.82 -8.47
N LEU D 217 2.05 34.32 -9.58
CA LEU D 217 1.44 34.54 -10.88
C LEU D 217 -0.01 34.09 -11.01
N ALA D 218 -0.41 33.10 -10.22
CA ALA D 218 -1.77 32.59 -10.28
C ALA D 218 -2.84 33.64 -9.97
N PHE D 219 -2.54 34.54 -9.04
CA PHE D 219 -3.51 35.56 -8.65
C PHE D 219 -3.65 36.76 -9.58
N VAL D 220 -2.56 37.21 -10.18
CA VAL D 220 -2.59 38.41 -11.02
C VAL D 220 -3.77 38.63 -11.97
N PRO D 221 -4.14 37.64 -12.80
CA PRO D 221 -5.27 37.90 -13.70
C PRO D 221 -6.53 38.28 -12.92
N TRP D 222 -6.75 37.56 -11.82
CA TRP D 222 -7.91 37.79 -10.97
C TRP D 222 -7.85 39.10 -10.20
N ASN D 223 -6.66 39.45 -9.76
CA ASN D 223 -6.48 40.70 -9.04
C ASN D 223 -6.99 41.84 -9.91
N ASN D 224 -6.76 41.74 -11.21
CA ASN D 224 -7.18 42.78 -12.13
C ASN D 224 -8.69 42.92 -12.33
N VAL D 225 -9.46 41.91 -11.91
CA VAL D 225 -10.90 42.00 -12.13
C VAL D 225 -11.77 42.24 -10.90
N VAL D 226 -11.18 42.14 -9.70
CA VAL D 226 -11.96 42.34 -8.48
C VAL D 226 -12.50 43.75 -8.31
N ASP D 227 -12.06 44.68 -9.15
CA ASP D 227 -12.60 46.01 -9.06
C ASP D 227 -14.05 45.89 -9.55
N ARG D 228 -14.30 44.91 -10.41
CA ARG D 228 -15.64 44.69 -10.92
C ARG D 228 -16.67 44.32 -9.86
N ILE D 229 -16.22 43.84 -8.69
CA ILE D 229 -17.12 43.47 -7.61
C ILE D 229 -16.94 44.40 -6.42
N GLY D 230 -16.48 45.61 -6.71
CA GLY D 230 -16.32 46.61 -5.67
C GLY D 230 -15.10 46.57 -4.80
N ILE D 231 -14.15 45.67 -5.05
CA ILE D 231 -12.95 45.63 -4.21
C ILE D 231 -11.84 46.51 -4.80
N ASN D 232 -11.36 47.44 -3.98
CA ASN D 232 -10.30 48.35 -4.38
C ASN D 232 -9.02 47.86 -3.72
N ILE D 233 -8.20 47.13 -4.48
CA ILE D 233 -6.96 46.58 -3.93
C ILE D 233 -6.00 47.63 -3.41
N LYS D 234 -5.82 48.69 -4.20
CA LYS D 234 -4.91 49.77 -3.84
C LYS D 234 -5.11 50.26 -2.40
N ILE D 235 -6.37 50.40 -2.00
CA ILE D 235 -6.66 50.89 -0.66
C ILE D 235 -6.94 49.81 0.39
N GLU D 236 -7.57 48.73 -0.02
CA GLU D 236 -7.89 47.68 0.92
C GLU D 236 -6.74 46.74 1.24
N PHE D 237 -5.90 46.42 0.25
CA PHE D 237 -4.76 45.53 0.49
C PHE D 237 -3.46 46.06 -0.09
N PRO D 238 -2.80 46.98 0.64
CA PRO D 238 -1.54 47.65 0.29
C PRO D 238 -0.43 46.73 -0.21
N GLU D 239 -0.08 45.71 0.58
CA GLU D 239 0.97 44.80 0.19
C GLU D 239 0.60 44.06 -1.09
N VAL D 240 -0.67 43.69 -1.22
CA VAL D 240 -1.11 43.00 -2.44
C VAL D 240 -1.01 43.92 -3.65
N TYR D 241 -1.23 45.21 -3.44
CA TYR D 241 -1.15 46.19 -4.51
C TYR D 241 0.28 46.25 -5.07
N LYS D 242 1.26 46.34 -4.16
CA LYS D 242 2.66 46.40 -4.54
C LYS D 242 3.03 45.14 -5.31
N TRP D 243 2.66 44.01 -4.73
CA TRP D 243 2.89 42.69 -5.28
C TRP D 243 2.32 42.58 -6.70
N THR D 244 1.09 43.03 -6.89
CA THR D 244 0.45 42.97 -8.21
C THR D 244 1.12 43.88 -9.23
N LYS D 245 1.52 45.08 -8.80
CA LYS D 245 2.15 46.02 -9.73
C LYS D 245 3.48 45.47 -10.22
N HIS D 246 4.25 44.88 -9.31
CA HIS D 246 5.53 44.29 -9.68
C HIS D 246 5.34 43.25 -10.78
N MET D 247 4.27 42.46 -10.67
CA MET D 247 4.01 41.44 -11.67
C MET D 247 3.50 42.07 -12.96
N MET D 248 2.71 43.13 -12.84
CA MET D 248 2.18 43.76 -14.04
C MET D 248 3.25 44.50 -14.85
N ARG D 249 4.40 44.75 -14.24
CA ARG D 249 5.48 45.45 -14.93
C ARG D 249 6.30 44.53 -15.80
N ARG D 250 6.26 43.24 -15.49
CA ARG D 250 7.02 42.26 -16.26
C ARG D 250 6.62 42.19 -17.73
N PRO D 251 7.60 42.23 -18.63
CA PRO D 251 7.41 42.18 -20.08
C PRO D 251 6.56 40.99 -20.51
N ALA D 252 6.90 39.83 -19.98
CA ALA D 252 6.19 38.61 -20.31
C ALA D 252 4.71 38.71 -19.97
N VAL D 253 4.42 39.24 -18.79
CA VAL D 253 3.05 39.39 -18.30
C VAL D 253 2.26 40.34 -19.18
N ILE D 254 2.89 41.46 -19.50
CA ILE D 254 2.25 42.47 -20.34
C ILE D 254 1.94 41.88 -21.72
N LYS D 255 2.94 41.26 -22.35
CA LYS D 255 2.77 40.64 -23.66
C LYS D 255 1.64 39.61 -23.60
N ALA D 256 1.74 38.69 -22.65
CA ALA D 256 0.75 37.65 -22.47
C ALA D 256 -0.70 38.17 -22.41
N LEU D 257 -0.90 39.27 -21.67
CA LEU D 257 -2.23 39.83 -21.49
C LEU D 257 -2.94 40.42 -22.70
N ARG D 258 -2.26 40.54 -23.84
CA ARG D 258 -2.89 41.08 -25.04
C ARG D 258 -3.79 40.01 -25.67
N GLY D 259 -3.23 38.83 -25.90
CA GLY D 259 -3.98 37.76 -26.51
C GLY D 259 -3.82 37.74 -28.02
#